data_4YGV
#
_entry.id   4YGV
#
_cell.length_a   55.933
_cell.length_b   56.152
_cell.length_c   81.498
_cell.angle_alpha   87.38
_cell.angle_beta   82.97
_cell.angle_gamma   65.59
#
_symmetry.space_group_name_H-M   'P 1'
#
loop_
_entity.id
_entity.type
_entity.pdbx_description
1 polymer 'aDabi-Fab2a heavy chain'
2 polymer 'aDabi-Fab2a light chain'
3 non-polymer GLYCEROL
4 water water
#
loop_
_entity_poly.entity_id
_entity_poly.type
_entity_poly.pdbx_seq_one_letter_code
_entity_poly.pdbx_strand_id
1 'polypeptide(L)'
;QVQLVQSGAEVKKPGASVKVSCKASGYTFTDYYMHWVRQAPGQGLEWMGETNPRNGGTTYNEKFKGKATMTRDTSTSTAY
MELSSLRSEDTAVYYCTIGTSGYDYFDYWGQGTLVTVSSASTKGPSVFPLAPSSKSTSGGTAALGCLVKDYFPEPVTVSW
NSGALTSGVHTFPAVLQSSGLYSLSSVVTVPSSSLGTQTYICNVNHKPSNTKVDKKVEPKSC
;
A,F
2 'polypeptide(L)'
;DIVMTQTPLSLSVTPGQPASISCRSSQSIVHSDGNIYLEWYLQKPGQSPKLLIYKVSYRFSGVPDRFSGSGSGTDFTLKI
SRVEAEDVGVYYCFQASHVPYTFGQGTKLEIKRTVAAPSVFIFPPSDEQLKSGTASVVCLLNNFYPREAKVQWKVDNALQ
SGNSQESVTEQDSKDSTYSLSSTLTLSKADYEKHKVYACEVTHQGLSSPVTKSFNRGEC
;
B,L
#
loop_
_chem_comp.id
_chem_comp.type
_chem_comp.name
_chem_comp.formula
GOL non-polymer GLYCEROL 'C3 H8 O3'
#
# COMPACT_ATOMS: atom_id res chain seq x y z
N GLN A 1 -3.61 -15.54 21.67
CA GLN A 1 -4.96 -15.42 21.15
C GLN A 1 -5.19 -14.06 20.48
N VAL A 2 -5.37 -14.08 19.15
CA VAL A 2 -5.60 -12.86 18.38
C VAL A 2 -6.96 -12.31 18.79
N GLN A 3 -7.01 -11.02 19.12
CA GLN A 3 -8.24 -10.34 19.51
C GLN A 3 -8.31 -8.96 18.89
N LEU A 4 -9.51 -8.60 18.41
CA LEU A 4 -9.80 -7.29 17.86
C LEU A 4 -10.99 -6.81 18.67
N VAL A 5 -10.76 -5.82 19.53
CA VAL A 5 -11.79 -5.31 20.44
C VAL A 5 -12.18 -3.90 20.02
N GLN A 6 -13.43 -3.78 19.58
CA GLN A 6 -13.94 -2.50 19.08
C GLN A 6 -14.62 -1.70 20.16
N SER A 7 -14.72 -0.39 19.94
CA SER A 7 -15.39 0.56 20.82
C SER A 7 -16.92 0.33 20.78
N GLY A 8 -17.62 0.84 21.79
CA GLY A 8 -19.05 0.64 21.93
C GLY A 8 -19.94 1.36 20.94
N ALA A 9 -21.23 0.97 20.90
CA ALA A 9 -22.25 1.57 20.06
C ALA A 9 -22.34 3.06 20.26
N GLU A 10 -22.58 3.77 19.17
CA GLU A 10 -22.67 5.23 19.16
C GLU A 10 -23.93 5.67 18.50
N VAL A 11 -24.40 6.85 18.89
CA VAL A 11 -25.54 7.49 18.27
C VAL A 11 -25.14 8.93 17.97
N LYS A 12 -25.40 9.38 16.74
CA LYS A 12 -25.01 10.74 16.33
C LYS A 12 -26.11 11.40 15.54
N LYS A 13 -26.18 12.74 15.63
CA LYS A 13 -27.16 13.51 14.88
C LYS A 13 -26.65 13.65 13.44
N PRO A 14 -27.54 13.82 12.41
CA PRO A 14 -27.03 14.05 11.04
C PRO A 14 -26.09 15.25 10.99
N GLY A 15 -25.04 15.14 10.17
CA GLY A 15 -24.03 16.18 10.00
C GLY A 15 -22.82 16.03 10.92
N ALA A 16 -22.96 15.27 12.02
CA ALA A 16 -21.86 15.05 12.97
C ALA A 16 -20.82 14.05 12.45
N SER A 17 -19.76 13.79 13.25
CA SER A 17 -18.70 12.86 12.94
C SER A 17 -18.61 11.84 14.07
N VAL A 18 -18.00 10.67 13.78
CA VAL A 18 -17.78 9.62 14.77
C VAL A 18 -16.47 8.91 14.44
N LYS A 19 -15.70 8.54 15.48
CA LYS A 19 -14.45 7.83 15.32
C LYS A 19 -14.52 6.52 16.12
N VAL A 20 -14.61 5.41 15.40
CA VAL A 20 -14.70 4.05 15.94
C VAL A 20 -13.27 3.51 16.09
N SER A 21 -12.99 2.82 17.19
CA SER A 21 -11.65 2.25 17.43
C SER A 21 -11.66 0.74 17.41
N CYS A 22 -10.49 0.15 17.12
CA CYS A 22 -10.27 -1.28 17.03
C CYS A 22 -8.92 -1.58 17.70
N LYS A 23 -8.96 -2.06 18.96
CA LYS A 23 -7.77 -2.40 19.74
C LYS A 23 -7.32 -3.83 19.45
N ALA A 24 -6.11 -3.98 18.92
CA ALA A 24 -5.56 -5.28 18.56
C ALA A 24 -4.62 -5.85 19.63
N SER A 25 -4.67 -7.18 19.83
CA SER A 25 -3.80 -7.90 20.78
C SER A 25 -3.57 -9.34 20.33
N GLY A 26 -2.54 -9.98 20.88
CA GLY A 26 -2.22 -11.37 20.56
C GLY A 26 -1.42 -11.60 19.31
N TYR A 27 -0.96 -10.50 18.68
CA TYR A 27 -0.10 -10.53 17.49
C TYR A 27 0.63 -9.21 17.38
N THR A 28 1.66 -9.15 16.53
CA THR A 28 2.43 -7.92 16.31
C THR A 28 1.59 -7.01 15.39
N PHE A 29 1.02 -5.93 15.95
CA PHE A 29 0.12 -4.99 15.24
C PHE A 29 0.58 -4.57 13.83
N THR A 30 1.88 -4.26 13.67
CA THR A 30 2.45 -3.81 12.38
C THR A 30 2.59 -4.90 11.32
N ASP A 31 2.35 -6.19 11.68
CA ASP A 31 2.47 -7.29 10.74
C ASP A 31 1.42 -7.36 9.66
N TYR A 32 0.17 -6.99 9.99
CA TYR A 32 -0.97 -7.14 9.07
C TYR A 32 -1.76 -5.86 8.87
N TYR A 33 -2.28 -5.70 7.65
CA TYR A 33 -3.14 -4.61 7.25
C TYR A 33 -4.42 -4.71 8.07
N MET A 34 -4.99 -3.57 8.41
CA MET A 34 -6.26 -3.51 9.12
C MET A 34 -7.32 -3.13 8.09
N HIS A 35 -8.35 -3.96 7.97
CA HIS A 35 -9.45 -3.74 7.02
C HIS A 35 -10.70 -3.33 7.78
N TRP A 36 -11.55 -2.55 7.11
CA TRP A 36 -12.83 -2.11 7.69
C TRP A 36 -13.94 -2.57 6.76
N VAL A 37 -14.97 -3.18 7.35
CA VAL A 37 -16.11 -3.72 6.61
C VAL A 37 -17.39 -3.15 7.19
N ARG A 38 -18.31 -2.72 6.32
CA ARG A 38 -19.61 -2.17 6.73
C ARG A 38 -20.71 -3.18 6.51
N GLN A 39 -21.69 -3.24 7.43
CA GLN A 39 -22.86 -4.10 7.29
C GLN A 39 -24.09 -3.23 7.59
N ALA A 40 -24.70 -2.73 6.53
CA ALA A 40 -25.85 -1.81 6.52
C ALA A 40 -27.10 -2.49 5.96
N PRO A 41 -28.31 -2.20 6.49
CA PRO A 41 -29.52 -2.87 5.97
C PRO A 41 -29.75 -2.56 4.49
N GLY A 42 -29.91 -3.63 3.71
CA GLY A 42 -30.12 -3.57 2.27
C GLY A 42 -28.83 -3.71 1.49
N GLN A 43 -27.82 -2.90 1.86
CA GLN A 43 -26.49 -2.84 1.24
C GLN A 43 -25.61 -4.09 1.48
N GLY A 44 -25.90 -4.85 2.54
CA GLY A 44 -25.17 -6.07 2.90
C GLY A 44 -23.76 -5.81 3.37
N LEU A 45 -22.84 -6.80 3.20
CA LEU A 45 -21.44 -6.60 3.60
C LEU A 45 -20.64 -5.89 2.50
N GLU A 46 -19.88 -4.86 2.88
CA GLU A 46 -19.06 -4.08 1.95
C GLU A 46 -17.70 -3.79 2.56
N TRP A 47 -16.64 -4.03 1.78
CA TRP A 47 -15.29 -3.72 2.18
C TRP A 47 -15.08 -2.21 1.96
N MET A 48 -14.73 -1.48 3.02
CA MET A 48 -14.55 -0.03 2.99
C MET A 48 -13.14 0.40 2.58
N GLY A 49 -12.16 -0.38 2.98
CA GLY A 49 -10.76 -0.06 2.72
C GLY A 49 -9.81 -0.73 3.68
N GLU A 50 -8.52 -0.44 3.51
CA GLU A 50 -7.46 -1.01 4.33
C GLU A 50 -6.45 0.03 4.78
N THR A 51 -5.78 -0.26 5.93
CA THR A 51 -4.72 0.60 6.47
C THR A 51 -3.47 -0.24 6.66
N ASN A 52 -2.33 0.29 6.19
CA ASN A 52 -1.03 -0.32 6.45
C ASN A 52 -0.66 0.21 7.84
N PRO A 53 -0.52 -0.66 8.85
CA PRO A 53 -0.22 -0.17 10.21
C PRO A 53 1.15 0.44 10.36
N ARG A 54 2.10 0.16 9.47
CA ARG A 54 3.45 0.69 9.61
C ARG A 54 3.54 2.19 9.30
N ASN A 55 3.05 2.59 8.12
CA ASN A 55 3.13 3.97 7.66
C ASN A 55 1.80 4.74 7.65
N GLY A 56 0.70 4.07 8.02
CA GLY A 56 -0.61 4.70 7.99
C GLY A 56 -1.14 4.88 6.58
N GLY A 57 -0.53 4.20 5.62
CA GLY A 57 -0.93 4.19 4.22
C GLY A 57 -2.32 3.59 4.11
N THR A 58 -3.16 4.11 3.20
CA THR A 58 -4.55 3.64 3.07
C THR A 58 -5.01 3.47 1.64
N THR A 59 -5.85 2.44 1.39
CA THR A 59 -6.50 2.19 0.10
C THR A 59 -7.97 2.13 0.43
N TYR A 60 -8.78 3.00 -0.18
CA TYR A 60 -10.22 3.05 0.06
C TYR A 60 -11.00 2.47 -1.07
N ASN A 61 -12.16 1.91 -0.75
CA ASN A 61 -13.13 1.53 -1.76
C ASN A 61 -13.66 2.92 -2.20
N GLU A 62 -13.65 3.24 -3.52
CA GLU A 62 -14.10 4.54 -4.06
C GLU A 62 -15.44 5.02 -3.49
N LYS A 63 -16.39 4.09 -3.24
CA LYS A 63 -17.70 4.39 -2.67
C LYS A 63 -17.59 5.07 -1.28
N PHE A 64 -16.47 4.82 -0.55
CA PHE A 64 -16.27 5.39 0.80
C PHE A 64 -15.30 6.56 0.92
N LYS A 65 -14.72 7.03 -0.21
CA LYS A 65 -13.82 8.18 -0.22
C LYS A 65 -14.61 9.43 0.15
N GLY A 66 -14.06 10.25 1.03
CA GLY A 66 -14.72 11.47 1.50
C GLY A 66 -15.72 11.23 2.61
N LYS A 67 -16.00 9.95 2.92
CA LYS A 67 -16.91 9.55 4.00
C LYS A 67 -16.09 8.96 5.14
N ALA A 68 -15.18 8.04 4.80
CA ALA A 68 -14.37 7.33 5.76
C ALA A 68 -12.93 7.80 5.77
N THR A 69 -12.34 7.91 6.96
CA THR A 69 -10.93 8.26 7.13
C THR A 69 -10.35 7.24 8.08
N MET A 70 -9.40 6.44 7.60
CA MET A 70 -8.76 5.40 8.38
C MET A 70 -7.41 5.88 8.86
N THR A 71 -7.12 5.66 10.14
CA THR A 71 -5.84 5.99 10.78
C THR A 71 -5.44 4.87 11.73
N ARG A 72 -4.26 5.00 12.34
CA ARG A 72 -3.76 4.02 13.31
C ARG A 72 -2.87 4.72 14.32
N ASP A 73 -2.70 4.09 15.49
CA ASP A 73 -1.78 4.51 16.55
C ASP A 73 -1.01 3.25 16.95
N THR A 74 0.23 3.11 16.42
CA THR A 74 1.09 1.94 16.69
C THR A 74 1.48 1.77 18.15
N SER A 75 1.61 2.88 18.90
CA SER A 75 1.99 2.86 20.32
C SER A 75 0.94 2.19 21.22
N THR A 76 -0.35 2.17 20.77
CA THR A 76 -1.46 1.55 21.51
C THR A 76 -2.06 0.36 20.73
N SER A 77 -1.47 -0.02 19.56
CA SER A 77 -1.96 -1.11 18.69
C SER A 77 -3.45 -0.90 18.36
N THR A 78 -3.82 0.35 18.07
CA THR A 78 -5.22 0.69 17.81
C THR A 78 -5.42 1.29 16.43
N ALA A 79 -6.40 0.76 15.68
CA ALA A 79 -6.78 1.27 14.38
C ALA A 79 -8.10 2.04 14.56
N TYR A 80 -8.29 3.08 13.75
CA TYR A 80 -9.44 3.97 13.83
C TYR A 80 -10.11 4.16 12.49
N MET A 81 -11.41 4.38 12.54
CA MET A 81 -12.22 4.63 11.38
C MET A 81 -13.14 5.76 11.75
N GLU A 82 -13.00 6.89 11.02
CA GLU A 82 -13.77 8.10 11.26
C GLU A 82 -14.73 8.36 10.11
N LEU A 83 -16.01 8.50 10.46
CA LEU A 83 -17.07 8.75 9.50
C LEU A 83 -17.44 10.22 9.61
N SER A 84 -17.42 10.95 8.51
CA SER A 84 -17.74 12.37 8.52
C SER A 84 -19.08 12.65 7.84
N SER A 85 -19.68 13.84 8.12
CA SER A 85 -20.96 14.32 7.55
C SER A 85 -22.03 13.22 7.59
N LEU A 86 -22.26 12.70 8.79
CA LEU A 86 -23.17 11.58 9.01
C LEU A 86 -24.58 11.81 8.48
N ARG A 87 -25.10 10.79 7.81
CA ARG A 87 -26.45 10.79 7.29
C ARG A 87 -27.11 9.48 7.69
N SER A 88 -28.45 9.40 7.60
CA SER A 88 -29.21 8.20 7.95
C SER A 88 -28.63 6.92 7.36
N GLU A 89 -28.17 6.99 6.11
CA GLU A 89 -27.57 5.88 5.34
C GLU A 89 -26.29 5.32 5.97
N ASP A 90 -25.67 6.07 6.90
CA ASP A 90 -24.47 5.62 7.58
C ASP A 90 -24.77 4.69 8.76
N THR A 91 -26.06 4.53 9.11
CA THR A 91 -26.45 3.63 10.19
C THR A 91 -26.10 2.21 9.74
N ALA A 92 -25.16 1.60 10.46
CA ALA A 92 -24.63 0.29 10.13
C ALA A 92 -23.73 -0.22 11.24
N VAL A 93 -23.36 -1.50 11.11
CA VAL A 93 -22.37 -2.11 11.97
C VAL A 93 -21.05 -2.01 11.19
N TYR A 94 -20.00 -1.53 11.87
CA TYR A 94 -18.67 -1.38 11.28
C TYR A 94 -17.76 -2.38 11.94
N TYR A 95 -17.08 -3.21 11.13
CA TYR A 95 -16.16 -4.23 11.62
C TYR A 95 -14.75 -3.90 11.24
N CYS A 96 -13.80 -4.21 12.13
CA CYS A 96 -12.40 -4.19 11.77
C CYS A 96 -12.05 -5.67 11.62
N THR A 97 -11.19 -5.99 10.65
CA THR A 97 -10.84 -7.38 10.36
C THR A 97 -9.42 -7.47 9.76
N ILE A 98 -8.76 -8.59 10.01
CA ILE A 98 -7.40 -8.85 9.50
C ILE A 98 -7.32 -10.24 8.87
N GLY A 99 -6.30 -10.44 8.03
CA GLY A 99 -5.96 -11.72 7.43
C GLY A 99 -4.56 -12.07 7.90
N THR A 100 -4.43 -12.85 9.01
CA THR A 100 -3.14 -13.22 9.64
C THR A 100 -2.19 -14.03 8.75
N SER A 101 -2.65 -14.46 7.56
CA SER A 101 -1.80 -15.18 6.60
C SER A 101 -0.89 -14.19 5.86
N GLY A 102 -1.26 -12.90 5.91
CA GLY A 102 -0.58 -11.83 5.19
C GLY A 102 -1.27 -11.57 3.86
N TYR A 103 -2.33 -12.35 3.56
CA TYR A 103 -3.19 -12.22 2.38
C TYR A 103 -4.59 -11.84 2.85
N ASP A 104 -5.33 -11.17 1.99
CA ASP A 104 -6.61 -10.59 2.34
C ASP A 104 -7.85 -11.50 2.44
N TYR A 105 -7.67 -12.74 2.93
CA TYR A 105 -8.78 -13.60 3.31
C TYR A 105 -8.85 -13.43 4.83
N PHE A 106 -9.88 -12.71 5.26
CA PHE A 106 -10.03 -12.31 6.67
C PHE A 106 -10.38 -13.47 7.58
N ASP A 107 -9.52 -13.72 8.59
CA ASP A 107 -9.71 -14.81 9.55
C ASP A 107 -10.09 -14.36 10.95
N TYR A 108 -9.76 -13.11 11.33
CA TYR A 108 -10.14 -12.56 12.63
C TYR A 108 -10.90 -11.26 12.44
N TRP A 109 -11.98 -11.10 13.21
CA TRP A 109 -12.86 -9.92 13.12
C TRP A 109 -13.14 -9.36 14.50
N GLY A 110 -13.34 -8.04 14.56
CA GLY A 110 -13.78 -7.38 15.78
C GLY A 110 -15.24 -7.75 16.00
N GLN A 111 -15.80 -7.39 17.17
CA GLN A 111 -17.22 -7.73 17.45
C GLN A 111 -18.21 -6.82 16.73
N GLY A 112 -17.71 -5.77 16.10
CA GLY A 112 -18.52 -4.79 15.37
C GLY A 112 -18.96 -3.66 16.27
N THR A 113 -19.14 -2.48 15.67
CA THR A 113 -19.64 -1.29 16.35
C THR A 113 -20.86 -0.76 15.59
N LEU A 114 -22.02 -0.72 16.26
CA LEU A 114 -23.21 -0.18 15.63
C LEU A 114 -23.21 1.33 15.81
N VAL A 115 -23.27 2.07 14.70
CA VAL A 115 -23.33 3.52 14.69
C VAL A 115 -24.75 3.84 14.18
N THR A 116 -25.53 4.60 14.94
CA THR A 116 -26.89 4.97 14.49
C THR A 116 -26.91 6.48 14.28
N VAL A 117 -27.42 6.93 13.13
CA VAL A 117 -27.53 8.36 12.81
C VAL A 117 -29.01 8.71 12.91
N SER A 118 -29.36 9.54 13.89
CA SER A 118 -30.74 9.91 14.13
C SER A 118 -30.84 11.28 14.82
N SER A 119 -31.94 12.00 14.56
CA SER A 119 -32.25 13.26 15.24
C SER A 119 -33.20 12.99 16.43
N ALA A 120 -33.71 11.74 16.57
CA ALA A 120 -34.58 11.35 17.68
C ALA A 120 -33.80 11.33 19.00
N SER A 121 -34.51 11.53 20.13
CA SER A 121 -33.89 11.58 21.46
C SER A 121 -33.40 10.19 21.92
N THR A 122 -32.18 10.14 22.47
CA THR A 122 -31.61 8.94 23.09
C THR A 122 -32.36 8.70 24.40
N LYS A 123 -32.69 7.42 24.69
CA LYS A 123 -33.37 7.07 25.94
C LYS A 123 -32.81 5.78 26.48
N GLY A 124 -32.46 5.80 27.76
CA GLY A 124 -31.99 4.60 28.45
C GLY A 124 -33.15 3.73 28.85
N PRO A 125 -33.00 2.40 28.90
CA PRO A 125 -34.14 1.56 29.28
C PRO A 125 -34.37 1.44 30.77
N SER A 126 -35.57 0.97 31.13
CA SER A 126 -35.91 0.54 32.47
C SER A 126 -35.72 -0.98 32.38
N VAL A 127 -35.19 -1.61 33.44
CA VAL A 127 -34.96 -3.05 33.45
C VAL A 127 -35.87 -3.63 34.53
N PHE A 128 -36.80 -4.51 34.15
CA PHE A 128 -37.74 -5.10 35.09
C PHE A 128 -37.56 -6.61 35.15
N PRO A 129 -37.71 -7.22 36.33
CA PRO A 129 -37.57 -8.67 36.41
C PRO A 129 -38.80 -9.40 35.87
N LEU A 130 -38.56 -10.60 35.32
CA LEU A 130 -39.60 -11.54 34.91
C LEU A 130 -39.34 -12.71 35.86
N ALA A 131 -39.91 -12.60 37.06
CA ALA A 131 -39.69 -13.52 38.18
C ALA A 131 -40.22 -14.92 37.91
N PRO A 132 -39.46 -15.99 38.27
CA PRO A 132 -40.00 -17.35 38.11
C PRO A 132 -41.10 -17.56 39.14
N SER A 133 -42.19 -18.21 38.72
CA SER A 133 -43.34 -18.50 39.59
C SER A 133 -43.99 -19.80 39.12
N SER A 134 -45.12 -20.20 39.75
CA SER A 134 -45.85 -21.40 39.33
C SER A 134 -46.44 -21.21 37.92
N LYS A 135 -46.49 -19.95 37.43
CA LYS A 135 -46.98 -19.60 36.08
C LYS A 135 -45.88 -19.66 35.02
N SER A 136 -44.63 -19.88 35.45
CA SER A 136 -43.52 -20.00 34.53
C SER A 136 -42.73 -21.29 34.73
N THR A 137 -43.41 -22.34 35.23
CA THR A 137 -42.78 -23.65 35.39
C THR A 137 -43.27 -24.62 34.35
N SER A 138 -42.42 -25.60 34.00
CA SER A 138 -42.73 -26.66 33.05
C SER A 138 -41.92 -27.92 33.44
N GLY A 139 -42.59 -28.93 33.98
CA GLY A 139 -41.98 -30.20 34.36
C GLY A 139 -40.61 -30.16 35.05
N GLY A 140 -40.55 -29.45 36.15
CA GLY A 140 -39.32 -29.29 36.93
C GLY A 140 -38.38 -28.19 36.50
N THR A 141 -38.73 -27.47 35.43
CA THR A 141 -37.93 -26.35 34.95
C THR A 141 -38.68 -25.05 35.21
N ALA A 142 -37.96 -23.96 35.45
CA ALA A 142 -38.56 -22.65 35.66
C ALA A 142 -37.99 -21.65 34.65
N ALA A 143 -38.86 -20.82 34.05
CA ALA A 143 -38.39 -19.79 33.14
C ALA A 143 -38.38 -18.48 33.93
N LEU A 144 -37.40 -17.66 33.67
CA LEU A 144 -37.27 -16.33 34.30
C LEU A 144 -36.62 -15.40 33.31
N GLY A 145 -36.61 -14.10 33.60
CA GLY A 145 -35.96 -13.20 32.68
C GLY A 145 -35.91 -11.76 33.09
N CYS A 146 -35.60 -10.90 32.11
CA CYS A 146 -35.59 -9.46 32.29
C CYS A 146 -36.28 -8.80 31.12
N LEU A 147 -37.13 -7.82 31.42
CA LEU A 147 -37.80 -7.00 30.41
C LEU A 147 -37.03 -5.68 30.34
N VAL A 148 -36.46 -5.36 29.16
CA VAL A 148 -35.64 -4.16 28.94
C VAL A 148 -36.51 -3.22 28.13
N LYS A 149 -37.22 -2.34 28.84
CA LYS A 149 -38.26 -1.49 28.29
C LYS A 149 -37.88 -0.04 27.94
N ASP A 150 -38.36 0.42 26.76
CA ASP A 150 -38.29 1.81 26.29
C ASP A 150 -36.91 2.40 26.18
N TYR A 151 -36.21 2.05 25.11
CA TYR A 151 -34.88 2.61 24.88
C TYR A 151 -34.71 3.01 23.44
N PHE A 152 -33.71 3.85 23.19
CA PHE A 152 -33.37 4.32 21.85
C PHE A 152 -31.94 4.84 21.84
N PRO A 153 -31.14 4.56 20.77
CA PRO A 153 -31.40 3.64 19.64
C PRO A 153 -31.01 2.22 20.05
N GLU A 154 -30.81 1.34 19.08
CA GLU A 154 -30.27 0.02 19.39
C GLU A 154 -28.73 0.24 19.57
N PRO A 155 -27.99 -0.68 20.22
CA PRO A 155 -28.37 -1.98 20.75
C PRO A 155 -28.35 -2.07 22.27
N VAL A 156 -29.10 -3.02 22.78
CA VAL A 156 -29.07 -3.44 24.16
C VAL A 156 -28.40 -4.82 24.12
N THR A 157 -27.43 -5.04 25.01
CA THR A 157 -26.84 -6.37 25.16
C THR A 157 -27.29 -6.89 26.53
N VAL A 158 -27.48 -8.20 26.63
CA VAL A 158 -27.85 -8.84 27.89
C VAL A 158 -26.99 -10.08 28.07
N SER A 159 -26.40 -10.22 29.25
CA SER A 159 -25.73 -11.45 29.65
C SER A 159 -26.36 -11.88 30.97
N TRP A 160 -26.15 -13.12 31.35
CA TRP A 160 -26.68 -13.66 32.59
C TRP A 160 -25.50 -14.07 33.46
N ASN A 161 -25.50 -13.68 34.73
CA ASN A 161 -24.45 -14.01 35.71
C ASN A 161 -23.05 -13.73 35.17
N SER A 162 -22.88 -12.53 34.57
CA SER A 162 -21.63 -12.04 33.99
C SER A 162 -21.04 -12.95 32.89
N GLY A 163 -21.91 -13.66 32.19
CA GLY A 163 -21.54 -14.56 31.09
C GLY A 163 -21.36 -16.01 31.49
N ALA A 164 -21.51 -16.33 32.80
CA ALA A 164 -21.37 -17.71 33.30
C ALA A 164 -22.62 -18.57 33.01
N LEU A 165 -23.75 -17.91 32.69
CA LEU A 165 -25.00 -18.61 32.39
C LEU A 165 -25.37 -18.33 30.94
N THR A 166 -25.24 -19.34 30.07
CA THR A 166 -25.54 -19.17 28.64
C THR A 166 -26.54 -20.22 28.14
N SER A 167 -26.52 -21.41 28.74
CA SER A 167 -27.43 -22.50 28.36
C SER A 167 -28.86 -22.12 28.68
N GLY A 168 -29.73 -22.32 27.70
CA GLY A 168 -31.15 -22.05 27.82
C GLY A 168 -31.54 -20.58 27.77
N VAL A 169 -30.61 -19.71 27.36
CA VAL A 169 -30.87 -18.26 27.26
C VAL A 169 -31.44 -17.94 25.88
N HIS A 170 -32.49 -17.09 25.85
CA HIS A 170 -33.04 -16.55 24.60
C HIS A 170 -33.15 -15.04 24.77
N THR A 171 -32.33 -14.29 24.03
CA THR A 171 -32.39 -12.83 24.05
C THR A 171 -33.06 -12.48 22.76
N PHE A 172 -34.29 -11.98 22.86
CA PHE A 172 -35.14 -11.73 21.71
C PHE A 172 -34.77 -10.50 20.91
N PRO A 173 -35.04 -10.50 19.58
CA PRO A 173 -34.84 -9.26 18.82
C PRO A 173 -35.75 -8.17 19.39
N ALA A 174 -35.23 -6.94 19.39
CA ALA A 174 -36.00 -5.80 19.90
C ALA A 174 -37.23 -5.53 19.03
N VAL A 175 -38.29 -5.03 19.67
CA VAL A 175 -39.52 -4.59 18.99
C VAL A 175 -39.55 -3.06 19.01
N LEU A 176 -40.08 -2.46 17.94
CA LEU A 176 -40.16 -1.00 17.84
C LEU A 176 -41.59 -0.57 18.15
N GLN A 177 -41.77 0.17 19.24
CA GLN A 177 -43.08 0.66 19.69
C GLN A 177 -43.48 1.87 18.84
N SER A 178 -44.78 2.22 18.79
CA SER A 178 -45.28 3.36 17.99
C SER A 178 -44.57 4.69 18.32
N SER A 179 -44.18 4.85 19.60
CA SER A 179 -43.43 5.99 20.16
C SER A 179 -42.03 6.16 19.57
N GLY A 180 -41.53 5.13 18.90
CA GLY A 180 -40.19 5.14 18.32
C GLY A 180 -39.15 4.58 19.28
N LEU A 181 -39.60 4.05 20.44
CA LEU A 181 -38.73 3.43 21.46
C LEU A 181 -38.74 1.91 21.28
N TYR A 182 -37.60 1.28 21.57
CA TYR A 182 -37.48 -0.18 21.48
C TYR A 182 -37.72 -0.82 22.84
N SER A 183 -38.01 -2.13 22.83
CA SER A 183 -38.13 -2.95 24.02
C SER A 183 -37.65 -4.35 23.63
N LEU A 184 -37.04 -5.04 24.57
CA LEU A 184 -36.64 -6.44 24.35
C LEU A 184 -36.74 -7.23 25.63
N SER A 185 -36.81 -8.56 25.49
CA SER A 185 -36.81 -9.42 26.65
C SER A 185 -35.69 -10.45 26.50
N SER A 186 -35.14 -10.91 27.62
CA SER A 186 -34.12 -11.94 27.67
C SER A 186 -34.60 -12.92 28.72
N VAL A 187 -34.65 -14.20 28.37
CA VAL A 187 -35.18 -15.21 29.30
C VAL A 187 -34.19 -16.35 29.41
N VAL A 188 -34.35 -17.18 30.44
CA VAL A 188 -33.51 -18.35 30.67
C VAL A 188 -34.36 -19.38 31.41
N THR A 189 -34.18 -20.66 31.05
CA THR A 189 -34.84 -21.79 31.70
C THR A 189 -33.79 -22.44 32.61
N VAL A 190 -34.15 -22.65 33.87
CA VAL A 190 -33.24 -23.21 34.89
C VAL A 190 -33.94 -24.32 35.70
N PRO A 191 -33.22 -25.06 36.58
CA PRO A 191 -33.91 -26.06 37.42
C PRO A 191 -34.82 -25.35 38.44
N SER A 192 -36.09 -25.81 38.61
CA SER A 192 -36.93 -25.15 39.61
C SER A 192 -36.48 -25.56 41.04
N SER A 193 -35.82 -26.74 41.18
CA SER A 193 -35.33 -27.26 42.46
C SER A 193 -34.35 -26.37 43.19
N SER A 194 -33.52 -25.62 42.43
CA SER A 194 -32.45 -24.78 42.99
C SER A 194 -32.70 -23.27 42.99
N LEU A 195 -33.98 -22.84 42.84
CA LEU A 195 -34.32 -21.41 42.88
C LEU A 195 -33.93 -20.74 44.21
N GLY A 196 -33.89 -21.53 45.28
CA GLY A 196 -33.53 -21.02 46.59
C GLY A 196 -32.03 -20.94 46.87
N THR A 197 -31.17 -21.54 46.01
CA THR A 197 -29.71 -21.54 46.24
C THR A 197 -28.92 -20.83 45.14
N GLN A 198 -29.49 -20.74 43.91
CA GLN A 198 -28.81 -20.06 42.80
C GLN A 198 -29.28 -18.62 42.66
N THR A 199 -28.36 -17.73 42.25
CA THR A 199 -28.66 -16.31 42.04
C THR A 199 -28.63 -16.04 40.54
N TYR A 200 -29.70 -15.42 40.01
CA TYR A 200 -29.81 -15.08 38.60
C TYR A 200 -29.84 -13.59 38.41
N ILE A 201 -28.83 -13.06 37.73
CA ILE A 201 -28.68 -11.64 37.50
C ILE A 201 -28.59 -11.39 36.01
N CYS A 202 -29.41 -10.49 35.49
CA CYS A 202 -29.26 -10.11 34.09
C CYS A 202 -28.42 -8.84 34.04
N ASN A 203 -27.35 -8.86 33.24
CA ASN A 203 -26.44 -7.73 33.07
C ASN A 203 -26.86 -7.04 31.78
N VAL A 204 -27.48 -5.87 31.90
CA VAL A 204 -28.00 -5.10 30.76
C VAL A 204 -27.12 -3.90 30.46
N ASN A 205 -26.71 -3.74 29.20
CA ASN A 205 -25.89 -2.62 28.77
C ASN A 205 -26.57 -1.90 27.60
N HIS A 206 -26.67 -0.57 27.69
CA HIS A 206 -27.16 0.25 26.59
C HIS A 206 -26.17 1.40 26.53
N LYS A 207 -25.07 1.19 25.79
CA LYS A 207 -23.97 2.12 25.68
C LYS A 207 -24.39 3.55 25.26
N PRO A 208 -25.28 3.77 24.26
CA PRO A 208 -25.66 5.15 23.89
C PRO A 208 -26.22 6.01 25.01
N SER A 209 -26.84 5.40 26.05
CA SER A 209 -27.37 6.13 27.20
C SER A 209 -26.53 5.92 28.47
N ASN A 210 -25.36 5.24 28.36
CA ASN A 210 -24.49 4.90 29.49
C ASN A 210 -25.22 4.05 30.53
N THR A 211 -26.19 3.21 30.07
CA THR A 211 -26.96 2.36 30.97
C THR A 211 -26.18 1.08 31.20
N LYS A 212 -25.97 0.72 32.47
CA LYS A 212 -25.26 -0.48 32.86
C LYS A 212 -25.97 -0.96 34.12
N VAL A 213 -26.90 -1.93 33.97
CA VAL A 213 -27.74 -2.42 35.07
C VAL A 213 -27.49 -3.91 35.30
N ASP A 214 -27.36 -4.32 36.58
CA ASP A 214 -27.23 -5.72 37.01
C ASP A 214 -28.43 -5.98 37.87
N LYS A 215 -29.44 -6.65 37.31
CA LYS A 215 -30.71 -6.89 37.99
C LYS A 215 -30.86 -8.30 38.50
N LYS A 216 -30.94 -8.45 39.84
CA LYS A 216 -31.15 -9.77 40.43
C LYS A 216 -32.63 -10.13 40.29
N VAL A 217 -32.90 -11.31 39.72
CA VAL A 217 -34.27 -11.76 39.50
C VAL A 217 -34.64 -12.71 40.63
N GLU A 218 -35.51 -12.24 41.55
CA GLU A 218 -35.94 -12.96 42.75
C GLU A 218 -37.13 -13.89 42.48
N PRO A 219 -37.10 -15.17 42.97
CA PRO A 219 -38.25 -16.07 42.76
C PRO A 219 -39.48 -15.57 43.52
N LYS A 220 -40.66 -15.86 42.97
CA LYS A 220 -41.94 -15.49 43.58
C LYS A 220 -42.46 -16.61 44.49
N ASP B 1 -17.02 -2.32 -10.56
CA ASP B 1 -16.67 -3.28 -9.52
C ASP B 1 -17.12 -4.69 -9.88
N ILE B 2 -16.54 -5.70 -9.21
CA ILE B 2 -16.90 -7.08 -9.44
C ILE B 2 -18.12 -7.43 -8.59
N VAL B 3 -19.22 -7.79 -9.24
CA VAL B 3 -20.47 -8.17 -8.56
C VAL B 3 -20.48 -9.68 -8.31
N MET B 4 -20.75 -10.08 -7.05
CA MET B 4 -20.81 -11.48 -6.63
C MET B 4 -22.28 -11.83 -6.45
N THR B 5 -22.80 -12.74 -7.28
CA THR B 5 -24.22 -13.13 -7.23
C THR B 5 -24.36 -14.54 -6.69
N GLN B 6 -25.06 -14.68 -5.57
CA GLN B 6 -25.31 -15.96 -4.92
C GLN B 6 -26.67 -16.57 -5.29
N THR B 7 -26.70 -17.90 -5.43
CA THR B 7 -27.91 -18.68 -5.75
C THR B 7 -27.86 -19.97 -4.92
N PRO B 8 -28.96 -20.38 -4.23
CA PRO B 8 -30.24 -19.66 -4.07
C PRO B 8 -30.14 -18.56 -3.01
N LEU B 9 -31.22 -17.77 -2.80
CA LEU B 9 -31.25 -16.70 -1.79
C LEU B 9 -31.44 -17.34 -0.41
N SER B 10 -32.10 -18.50 -0.37
CA SER B 10 -32.36 -19.27 0.85
C SER B 10 -32.61 -20.73 0.52
N LEU B 11 -32.36 -21.59 1.49
CA LEU B 11 -32.61 -23.03 1.38
C LEU B 11 -32.95 -23.63 2.74
N SER B 12 -33.81 -24.65 2.73
CA SER B 12 -34.25 -25.35 3.93
C SER B 12 -33.81 -26.82 3.77
N VAL B 13 -32.99 -27.33 4.71
CA VAL B 13 -32.41 -28.68 4.60
C VAL B 13 -32.58 -29.51 5.86
N THR B 14 -32.91 -30.81 5.69
CA THR B 14 -33.00 -31.76 6.80
C THR B 14 -31.57 -32.18 7.17
N PRO B 15 -31.18 -32.27 8.46
CA PRO B 15 -29.81 -32.73 8.79
C PRO B 15 -29.52 -34.10 8.22
N GLY B 16 -28.30 -34.26 7.74
CA GLY B 16 -27.85 -35.49 7.07
C GLY B 16 -27.91 -35.34 5.57
N GLN B 17 -28.70 -34.36 5.07
CA GLN B 17 -28.86 -34.11 3.63
C GLN B 17 -27.88 -33.09 3.05
N PRO B 18 -27.52 -33.18 1.76
CA PRO B 18 -26.55 -32.22 1.22
C PRO B 18 -27.12 -30.82 0.93
N ALA B 19 -26.24 -29.80 0.94
CA ALA B 19 -26.58 -28.43 0.57
C ALA B 19 -25.53 -27.95 -0.41
N SER B 20 -25.94 -27.09 -1.34
CA SER B 20 -25.04 -26.53 -2.35
C SER B 20 -25.43 -25.07 -2.58
N ILE B 21 -24.43 -24.18 -2.50
CA ILE B 21 -24.60 -22.73 -2.70
C ILE B 21 -23.65 -22.29 -3.79
N SER B 22 -24.17 -21.55 -4.78
CA SER B 22 -23.38 -21.04 -5.89
C SER B 22 -23.10 -19.56 -5.75
N CYS B 23 -21.91 -19.14 -6.20
CA CYS B 23 -21.46 -17.76 -6.20
C CYS B 23 -20.86 -17.47 -7.56
N ARG B 24 -21.51 -16.56 -8.30
CA ARG B 24 -21.09 -16.14 -9.63
C ARG B 24 -20.48 -14.74 -9.57
N SER B 25 -19.28 -14.58 -10.16
CA SER B 25 -18.64 -13.27 -10.26
C SER B 25 -18.93 -12.67 -11.65
N SER B 26 -19.14 -11.34 -11.71
CA SER B 26 -19.44 -10.59 -12.94
C SER B 26 -18.26 -10.56 -13.93
N GLN B 27 -17.03 -10.72 -13.40
CA GLN B 27 -15.75 -10.73 -14.10
C GLN B 27 -14.92 -11.85 -13.49
N SER B 28 -13.79 -12.22 -14.14
CA SER B 28 -12.89 -13.24 -13.60
C SER B 28 -12.21 -12.72 -12.33
N ILE B 29 -11.83 -13.65 -11.43
CA ILE B 29 -11.21 -13.27 -10.16
C ILE B 29 -9.86 -13.91 -9.92
N VAL B 30 -9.00 -13.89 -10.95
CA VAL B 30 -7.65 -14.42 -10.84
C VAL B 30 -6.76 -13.23 -10.47
N HIS B 31 -6.08 -13.32 -9.32
CA HIS B 31 -5.17 -12.32 -8.82
C HIS B 31 -3.89 -12.38 -9.67
N SER B 32 -3.04 -11.33 -9.59
CA SER B 32 -1.76 -11.25 -10.31
C SER B 32 -0.85 -12.45 -10.07
N ASP B 33 -0.89 -13.05 -8.86
CA ASP B 33 -0.09 -14.22 -8.47
C ASP B 33 -0.60 -15.56 -9.01
N GLY B 34 -1.74 -15.54 -9.69
CA GLY B 34 -2.36 -16.72 -10.27
C GLY B 34 -3.39 -17.42 -9.40
N ASN B 35 -3.55 -16.96 -8.14
CA ASN B 35 -4.53 -17.52 -7.20
C ASN B 35 -5.88 -16.81 -7.29
N ILE B 36 -6.95 -17.50 -6.87
CA ILE B 36 -8.30 -16.94 -6.83
C ILE B 36 -8.63 -16.80 -5.35
N TYR B 37 -8.70 -15.56 -4.87
CA TYR B 37 -8.98 -15.32 -3.46
C TYR B 37 -10.47 -15.31 -3.17
N LEU B 38 -11.15 -16.45 -3.44
CA LEU B 38 -12.58 -16.63 -3.22
C LEU B 38 -12.79 -17.30 -1.86
N GLU B 39 -13.53 -16.61 -0.97
CA GLU B 39 -13.79 -17.08 0.38
C GLU B 39 -15.25 -17.31 0.61
N TRP B 40 -15.55 -18.16 1.58
CA TRP B 40 -16.91 -18.42 2.04
C TRP B 40 -16.94 -18.15 3.53
N TYR B 41 -17.91 -17.35 3.98
CA TYR B 41 -18.09 -17.02 5.38
C TYR B 41 -19.44 -17.47 5.85
N LEU B 42 -19.57 -17.74 7.15
CA LEU B 42 -20.84 -18.02 7.78
C LEU B 42 -21.03 -16.97 8.86
N GLN B 43 -22.21 -16.36 8.88
CA GLN B 43 -22.53 -15.38 9.89
C GLN B 43 -23.85 -15.74 10.55
N LYS B 44 -23.85 -15.76 11.89
CA LYS B 44 -25.03 -16.00 12.71
C LYS B 44 -25.52 -14.64 13.26
N PRO B 45 -26.84 -14.47 13.53
CA PRO B 45 -27.34 -13.17 14.02
C PRO B 45 -26.60 -12.63 15.25
N GLY B 46 -26.27 -11.34 15.17
CA GLY B 46 -25.54 -10.62 16.20
C GLY B 46 -24.06 -10.98 16.32
N GLN B 47 -23.54 -11.80 15.40
CA GLN B 47 -22.13 -12.21 15.43
C GLN B 47 -21.38 -11.69 14.21
N SER B 48 -20.04 -11.69 14.28
CA SER B 48 -19.21 -11.30 13.15
C SER B 48 -19.14 -12.50 12.18
N PRO B 49 -18.84 -12.30 10.86
CA PRO B 49 -18.72 -13.46 9.97
C PRO B 49 -17.53 -14.34 10.37
N LYS B 50 -17.61 -15.64 10.09
CA LYS B 50 -16.58 -16.62 10.41
C LYS B 50 -16.09 -17.27 9.13
N LEU B 51 -14.76 -17.26 8.91
CA LEU B 51 -14.16 -17.86 7.72
C LEU B 51 -14.34 -19.38 7.68
N LEU B 52 -14.83 -19.91 6.54
CA LEU B 52 -14.98 -21.35 6.37
C LEU B 52 -14.00 -21.87 5.32
N ILE B 53 -13.99 -21.23 4.14
CA ILE B 53 -13.19 -21.61 2.98
C ILE B 53 -12.42 -20.41 2.44
N TYR B 54 -11.15 -20.60 2.05
CA TYR B 54 -10.36 -19.53 1.44
C TYR B 54 -9.70 -20.05 0.19
N LYS B 55 -9.31 -19.15 -0.72
CA LYS B 55 -8.71 -19.51 -2.00
C LYS B 55 -9.49 -20.66 -2.70
N VAL B 56 -10.82 -20.48 -2.88
CA VAL B 56 -11.75 -21.41 -3.53
C VAL B 56 -12.03 -22.72 -2.78
N SER B 57 -10.98 -23.47 -2.40
CA SER B 57 -11.13 -24.83 -1.85
C SER B 57 -10.44 -25.14 -0.53
N TYR B 58 -9.63 -24.20 0.00
CA TYR B 58 -8.94 -24.47 1.25
C TYR B 58 -9.86 -24.35 2.44
N ARG B 59 -9.93 -25.40 3.24
CA ARG B 59 -10.77 -25.41 4.43
C ARG B 59 -10.00 -24.73 5.55
N PHE B 60 -10.58 -23.67 6.14
CA PHE B 60 -9.95 -22.94 7.24
C PHE B 60 -9.85 -23.84 8.49
N SER B 61 -8.80 -23.66 9.31
CA SER B 61 -8.56 -24.50 10.49
C SER B 61 -9.75 -24.53 11.46
N GLY B 62 -10.14 -25.75 11.85
CA GLY B 62 -11.26 -25.96 12.77
C GLY B 62 -12.61 -26.17 12.10
N VAL B 63 -12.71 -25.86 10.80
CA VAL B 63 -13.94 -26.01 10.00
C VAL B 63 -14.18 -27.51 9.71
N PRO B 64 -15.42 -28.03 9.94
CA PRO B 64 -15.67 -29.47 9.71
C PRO B 64 -15.40 -29.93 8.27
N ASP B 65 -14.99 -31.20 8.12
CA ASP B 65 -14.69 -31.87 6.84
C ASP B 65 -15.90 -31.88 5.88
N ARG B 66 -17.12 -31.69 6.45
CA ARG B 66 -18.41 -31.62 5.76
C ARG B 66 -18.46 -30.48 4.73
N PHE B 67 -17.70 -29.39 4.99
CA PHE B 67 -17.61 -28.22 4.11
C PHE B 67 -16.51 -28.36 3.07
N SER B 68 -16.85 -28.06 1.82
CA SER B 68 -15.89 -28.08 0.72
C SER B 68 -16.24 -27.00 -0.31
N GLY B 69 -15.24 -26.51 -1.01
CA GLY B 69 -15.40 -25.49 -2.03
C GLY B 69 -14.72 -25.88 -3.32
N SER B 70 -15.27 -25.43 -4.44
CA SER B 70 -14.75 -25.68 -5.78
C SER B 70 -15.11 -24.49 -6.68
N GLY B 71 -14.59 -24.49 -7.89
CA GLY B 71 -14.90 -23.43 -8.83
C GLY B 71 -13.74 -22.96 -9.68
N SER B 72 -14.10 -22.30 -10.77
CA SER B 72 -13.17 -21.74 -11.77
C SER B 72 -13.86 -20.60 -12.52
N GLY B 73 -13.04 -19.69 -13.02
CA GLY B 73 -13.48 -18.54 -13.80
C GLY B 73 -14.47 -17.64 -13.10
N THR B 74 -15.78 -17.86 -13.36
CA THR B 74 -16.82 -17.02 -12.78
C THR B 74 -17.82 -17.77 -11.90
N ASP B 75 -17.74 -19.11 -11.81
CA ASP B 75 -18.67 -19.92 -11.01
C ASP B 75 -17.99 -20.68 -9.89
N PHE B 76 -18.43 -20.43 -8.64
CA PHE B 76 -17.86 -21.00 -7.42
C PHE B 76 -18.95 -21.65 -6.59
N THR B 77 -18.64 -22.80 -5.98
CA THR B 77 -19.63 -23.56 -5.22
C THR B 77 -19.16 -24.00 -3.86
N LEU B 78 -20.00 -23.75 -2.84
CA LEU B 78 -19.79 -24.25 -1.50
C LEU B 78 -20.73 -25.45 -1.35
N LYS B 79 -20.19 -26.57 -0.88
CA LYS B 79 -20.95 -27.78 -0.67
C LYS B 79 -20.87 -28.24 0.76
N ILE B 80 -22.02 -28.57 1.37
CA ILE B 80 -22.08 -29.17 2.70
C ILE B 80 -22.53 -30.61 2.44
N SER B 81 -21.63 -31.57 2.63
CA SER B 81 -21.88 -33.01 2.37
C SER B 81 -23.13 -33.51 3.10
N ARG B 82 -23.20 -33.24 4.41
CA ARG B 82 -24.31 -33.58 5.31
C ARG B 82 -24.53 -32.37 6.22
N VAL B 83 -25.66 -31.71 6.07
CA VAL B 83 -26.00 -30.53 6.89
C VAL B 83 -26.24 -30.94 8.35
N GLU B 84 -25.82 -30.08 9.30
CA GLU B 84 -26.02 -30.27 10.73
C GLU B 84 -26.67 -29.01 11.30
N ALA B 85 -27.31 -29.12 12.47
CA ALA B 85 -28.03 -28.05 13.18
C ALA B 85 -27.18 -26.76 13.32
N GLU B 86 -25.87 -26.93 13.62
CA GLU B 86 -24.92 -25.83 13.82
C GLU B 86 -24.60 -25.01 12.55
N ASP B 87 -24.98 -25.53 11.36
CA ASP B 87 -24.74 -24.86 10.07
C ASP B 87 -25.70 -23.72 9.78
N VAL B 88 -26.74 -23.54 10.63
CA VAL B 88 -27.74 -22.51 10.44
C VAL B 88 -27.15 -21.08 10.44
N GLY B 89 -27.60 -20.27 9.49
CA GLY B 89 -27.13 -18.90 9.38
C GLY B 89 -27.09 -18.43 7.94
N VAL B 90 -26.34 -17.34 7.70
CA VAL B 90 -26.20 -16.75 6.38
C VAL B 90 -24.78 -16.98 5.85
N TYR B 91 -24.68 -17.55 4.63
CA TYR B 91 -23.43 -17.84 3.93
C TYR B 91 -23.15 -16.75 2.93
N TYR B 92 -21.92 -16.21 2.93
CA TYR B 92 -21.50 -15.16 2.01
C TYR B 92 -20.26 -15.60 1.27
N CYS B 93 -20.20 -15.34 -0.03
CA CYS B 93 -18.96 -15.53 -0.74
C CYS B 93 -18.28 -14.16 -0.77
N PHE B 94 -16.95 -14.16 -0.96
CA PHE B 94 -16.17 -12.95 -0.92
C PHE B 94 -14.96 -13.09 -1.81
N GLN B 95 -14.71 -12.08 -2.67
CA GLN B 95 -13.52 -12.07 -3.52
C GLN B 95 -12.53 -11.00 -3.04
N ALA B 96 -11.26 -11.38 -2.91
CA ALA B 96 -10.19 -10.46 -2.50
C ALA B 96 -9.07 -10.47 -3.56
N SER B 97 -9.44 -10.82 -4.81
CA SER B 97 -8.52 -10.89 -5.94
C SER B 97 -8.28 -9.52 -6.56
N HIS B 98 -9.32 -8.67 -6.63
CA HIS B 98 -9.22 -7.33 -7.21
C HIS B 98 -9.90 -6.30 -6.34
N VAL B 99 -9.21 -5.17 -6.11
CA VAL B 99 -9.70 -4.03 -5.35
C VAL B 99 -10.79 -3.29 -6.20
N PRO B 100 -11.95 -2.91 -5.61
CA PRO B 100 -12.37 -3.12 -4.22
C PRO B 100 -12.88 -4.54 -3.99
N TYR B 101 -12.56 -5.08 -2.82
CA TYR B 101 -13.01 -6.43 -2.46
C TYR B 101 -14.53 -6.38 -2.32
N THR B 102 -15.22 -7.44 -2.79
CA THR B 102 -16.68 -7.45 -2.78
C THR B 102 -17.24 -8.78 -2.26
N PHE B 103 -18.43 -8.71 -1.67
CA PHE B 103 -19.16 -9.84 -1.11
C PHE B 103 -20.42 -10.15 -1.91
N GLY B 104 -20.87 -11.40 -1.80
CA GLY B 104 -22.16 -11.83 -2.32
C GLY B 104 -23.25 -11.30 -1.39
N GLN B 105 -24.53 -11.38 -1.81
CA GLN B 105 -25.67 -10.87 -1.03
C GLN B 105 -26.07 -11.75 0.17
N GLY B 106 -25.51 -12.96 0.23
CA GLY B 106 -25.83 -13.90 1.29
C GLY B 106 -26.90 -14.91 0.90
N THR B 107 -26.74 -16.13 1.44
CA THR B 107 -27.68 -17.24 1.27
C THR B 107 -28.07 -17.71 2.66
N LYS B 108 -29.36 -17.63 3.01
CA LYS B 108 -29.82 -18.06 4.32
C LYS B 108 -30.08 -19.57 4.34
N LEU B 109 -29.43 -20.30 5.27
CA LEU B 109 -29.62 -21.74 5.39
C LEU B 109 -30.47 -22.00 6.61
N GLU B 110 -31.63 -22.61 6.38
CA GLU B 110 -32.57 -22.99 7.43
C GLU B 110 -32.54 -24.51 7.57
N ILE B 111 -32.80 -25.00 8.77
CA ILE B 111 -32.76 -26.42 9.11
C ILE B 111 -34.16 -26.97 9.35
N LYS B 112 -34.47 -28.10 8.72
CA LYS B 112 -35.74 -28.79 8.93
C LYS B 112 -35.56 -29.70 10.14
N ARG B 113 -36.61 -29.84 10.92
CA ARG B 113 -36.64 -30.74 12.08
C ARG B 113 -38.08 -31.16 12.32
N THR B 114 -38.29 -32.04 13.29
CA THR B 114 -39.63 -32.53 13.63
C THR B 114 -40.44 -31.45 14.31
N VAL B 115 -41.78 -31.62 14.29
CA VAL B 115 -42.69 -30.71 14.98
C VAL B 115 -42.41 -30.74 16.49
N ALA B 116 -42.35 -29.57 17.11
CA ALA B 116 -42.14 -29.43 18.55
C ALA B 116 -43.11 -28.37 19.03
N ALA B 117 -44.02 -28.73 19.94
CA ALA B 117 -44.99 -27.78 20.49
C ALA B 117 -44.26 -26.80 21.42
N PRO B 118 -44.70 -25.53 21.52
CA PRO B 118 -44.02 -24.61 22.45
C PRO B 118 -44.37 -24.92 23.91
N SER B 119 -43.45 -24.57 24.82
CA SER B 119 -43.70 -24.59 26.26
C SER B 119 -44.13 -23.14 26.53
N VAL B 120 -45.34 -22.95 27.06
CA VAL B 120 -45.92 -21.62 27.28
C VAL B 120 -45.82 -21.15 28.73
N PHE B 121 -45.32 -19.92 28.93
CA PHE B 121 -45.13 -19.33 30.25
C PHE B 121 -45.71 -17.93 30.25
N ILE B 122 -46.20 -17.48 31.40
CA ILE B 122 -46.77 -16.13 31.52
C ILE B 122 -46.15 -15.40 32.70
N PHE B 123 -45.90 -14.11 32.52
CA PHE B 123 -45.30 -13.28 33.57
C PHE B 123 -46.15 -12.04 33.85
N PRO B 124 -46.76 -11.93 35.06
CA PRO B 124 -47.48 -10.69 35.39
C PRO B 124 -46.51 -9.49 35.44
N PRO B 125 -47.01 -8.24 35.43
CA PRO B 125 -46.10 -7.08 35.58
C PRO B 125 -45.37 -7.14 36.92
N SER B 126 -44.13 -6.67 36.93
CA SER B 126 -43.33 -6.62 38.16
C SER B 126 -43.87 -5.49 39.04
N ASP B 127 -43.66 -5.60 40.37
CA ASP B 127 -44.04 -4.53 41.29
C ASP B 127 -43.31 -3.22 40.96
N GLU B 128 -42.02 -3.32 40.52
CA GLU B 128 -41.19 -2.18 40.11
C GLU B 128 -41.86 -1.41 38.98
N GLN B 129 -42.35 -2.11 37.94
CA GLN B 129 -43.00 -1.43 36.83
C GLN B 129 -44.32 -0.79 37.24
N LEU B 130 -45.12 -1.50 38.04
CA LEU B 130 -46.42 -1.00 38.53
C LEU B 130 -46.27 0.34 39.26
N LYS B 131 -45.15 0.51 40.00
CA LYS B 131 -44.82 1.76 40.69
C LYS B 131 -44.61 2.92 39.71
N SER B 132 -44.19 2.63 38.45
CA SER B 132 -43.92 3.62 37.42
C SER B 132 -45.17 4.02 36.58
N GLY B 133 -46.31 3.42 36.88
CA GLY B 133 -47.59 3.69 36.23
C GLY B 133 -47.94 2.89 34.98
N THR B 134 -47.15 1.84 34.67
CA THR B 134 -47.35 0.99 33.48
C THR B 134 -47.37 -0.50 33.86
N ALA B 135 -48.05 -1.34 33.05
CA ALA B 135 -48.11 -2.77 33.32
C ALA B 135 -47.86 -3.57 32.04
N SER B 136 -46.74 -4.29 31.99
CA SER B 136 -46.41 -5.15 30.87
C SER B 136 -46.54 -6.60 31.30
N VAL B 137 -47.31 -7.37 30.53
CA VAL B 137 -47.56 -8.79 30.79
C VAL B 137 -46.79 -9.51 29.68
N VAL B 138 -45.94 -10.48 30.05
CA VAL B 138 -45.12 -11.17 29.04
C VAL B 138 -45.55 -12.63 28.89
N CYS B 139 -45.77 -13.05 27.64
CA CYS B 139 -46.06 -14.44 27.30
C CYS B 139 -44.86 -14.98 26.54
N LEU B 140 -44.30 -16.08 27.02
CA LEU B 140 -43.14 -16.71 26.43
C LEU B 140 -43.51 -18.08 25.83
N LEU B 141 -43.15 -18.28 24.56
CA LEU B 141 -43.36 -19.53 23.81
C LEU B 141 -41.96 -20.07 23.56
N ASN B 142 -41.59 -21.11 24.29
CA ASN B 142 -40.24 -21.65 24.23
C ASN B 142 -40.03 -22.92 23.40
N ASN B 143 -38.98 -22.90 22.57
CA ASN B 143 -38.43 -24.01 21.79
C ASN B 143 -39.47 -24.79 20.98
N PHE B 144 -40.01 -24.16 19.96
CA PHE B 144 -41.01 -24.78 19.11
C PHE B 144 -40.57 -24.84 17.67
N TYR B 145 -41.25 -25.67 16.87
CA TYR B 145 -40.97 -25.80 15.45
C TYR B 145 -42.23 -26.37 14.79
N PRO B 146 -42.70 -25.84 13.62
CA PRO B 146 -42.13 -24.74 12.82
C PRO B 146 -42.27 -23.38 13.47
N ARG B 147 -41.70 -22.33 12.84
CA ARG B 147 -41.70 -20.95 13.38
C ARG B 147 -43.08 -20.33 13.52
N GLU B 148 -44.04 -20.75 12.68
CA GLU B 148 -45.38 -20.19 12.65
C GLU B 148 -46.09 -20.52 13.94
N ALA B 149 -46.51 -19.48 14.66
CA ALA B 149 -47.22 -19.62 15.94
C ALA B 149 -48.12 -18.42 16.08
N LYS B 150 -49.29 -18.61 16.69
CA LYS B 150 -50.22 -17.51 16.87
C LYS B 150 -50.47 -17.28 18.36
N VAL B 151 -50.28 -16.03 18.81
CA VAL B 151 -50.54 -15.62 20.18
C VAL B 151 -51.74 -14.69 20.15
N GLN B 152 -52.68 -14.89 21.06
CA GLN B 152 -53.83 -14.01 21.24
C GLN B 152 -53.90 -13.65 22.71
N TRP B 153 -54.05 -12.37 23.01
CA TRP B 153 -54.17 -11.90 24.40
C TRP B 153 -55.65 -11.71 24.71
N LYS B 154 -56.08 -12.21 25.87
CA LYS B 154 -57.46 -12.08 26.36
C LYS B 154 -57.43 -11.55 27.77
N VAL B 155 -58.25 -10.53 28.03
CA VAL B 155 -58.35 -9.88 29.34
C VAL B 155 -59.81 -10.04 29.75
N ASP B 156 -60.06 -10.82 30.83
CA ASP B 156 -61.40 -11.24 31.26
C ASP B 156 -62.14 -11.88 30.07
N ASN B 157 -61.41 -12.74 29.32
CA ASN B 157 -61.85 -13.50 28.14
C ASN B 157 -62.13 -12.64 26.89
N ALA B 158 -61.89 -11.32 26.95
CA ALA B 158 -62.11 -10.43 25.80
C ALA B 158 -60.82 -10.32 24.97
N LEU B 159 -60.91 -10.64 23.66
CA LEU B 159 -59.77 -10.59 22.74
C LEU B 159 -59.23 -9.18 22.60
N GLN B 160 -57.91 -9.04 22.81
CA GLN B 160 -57.23 -7.76 22.74
C GLN B 160 -56.72 -7.47 21.34
N SER B 161 -56.61 -6.18 21.01
CA SER B 161 -56.08 -5.73 19.72
C SER B 161 -55.39 -4.38 19.88
N GLY B 162 -54.22 -4.25 19.28
CA GLY B 162 -53.46 -3.00 19.26
C GLY B 162 -52.63 -2.62 20.47
N ASN B 163 -52.53 -3.49 21.48
CA ASN B 163 -51.79 -3.21 22.70
C ASN B 163 -50.65 -4.22 22.97
N SER B 164 -50.24 -4.97 21.93
CA SER B 164 -49.18 -5.96 22.09
C SER B 164 -48.15 -5.91 20.98
N GLN B 165 -46.92 -6.41 21.29
CA GLN B 165 -45.83 -6.54 20.34
C GLN B 165 -45.15 -7.87 20.59
N GLU B 166 -44.65 -8.50 19.53
CA GLU B 166 -43.95 -9.78 19.67
C GLU B 166 -42.76 -9.85 18.74
N SER B 167 -41.84 -10.75 19.06
CA SER B 167 -40.70 -11.04 18.19
C SER B 167 -40.30 -12.49 18.34
N VAL B 168 -39.77 -13.07 17.27
CA VAL B 168 -39.33 -14.45 17.23
C VAL B 168 -37.81 -14.46 17.16
N THR B 169 -37.18 -15.46 17.80
CA THR B 169 -35.73 -15.59 17.73
C THR B 169 -35.34 -16.11 16.34
N GLU B 170 -34.02 -16.10 16.07
CA GLU B 170 -33.44 -16.77 14.93
C GLU B 170 -33.54 -18.28 15.30
N GLN B 171 -33.30 -19.16 14.35
CA GLN B 171 -33.34 -20.59 14.62
C GLN B 171 -32.16 -21.01 15.51
N ASP B 172 -32.43 -21.83 16.55
CA ASP B 172 -31.42 -22.26 17.50
C ASP B 172 -30.36 -23.13 16.84
N SER B 173 -29.08 -22.86 17.09
CA SER B 173 -27.97 -23.61 16.49
C SER B 173 -27.83 -25.05 17.01
N LYS B 174 -28.43 -25.35 18.18
CA LYS B 174 -28.32 -26.68 18.80
C LYS B 174 -29.51 -27.59 18.55
N ASP B 175 -30.74 -27.07 18.74
CA ASP B 175 -31.95 -27.87 18.60
C ASP B 175 -32.86 -27.48 17.43
N SER B 176 -32.48 -26.46 16.63
CA SER B 176 -33.22 -26.02 15.44
C SER B 176 -34.63 -25.49 15.73
N THR B 177 -34.88 -25.09 16.97
CA THR B 177 -36.19 -24.55 17.31
C THR B 177 -36.18 -23.01 17.26
N TYR B 178 -37.35 -22.41 17.53
CA TYR B 178 -37.57 -20.98 17.66
C TYR B 178 -38.23 -20.73 19.00
N SER B 179 -38.09 -19.50 19.51
CA SER B 179 -38.80 -19.05 20.70
C SER B 179 -39.44 -17.71 20.36
N LEU B 180 -40.51 -17.37 21.06
CA LEU B 180 -41.25 -16.13 20.80
C LEU B 180 -41.64 -15.49 22.11
N SER B 181 -41.52 -14.17 22.15
CA SER B 181 -41.90 -13.39 23.31
C SER B 181 -42.96 -12.39 22.85
N SER B 182 -44.09 -12.31 23.57
CA SER B 182 -45.14 -11.34 23.27
C SER B 182 -45.39 -10.51 24.52
N THR B 183 -45.42 -9.16 24.37
CA THR B 183 -45.69 -8.29 25.51
C THR B 183 -47.02 -7.53 25.30
N LEU B 184 -47.90 -7.61 26.30
CA LEU B 184 -49.16 -6.87 26.34
C LEU B 184 -48.89 -5.68 27.26
N THR B 185 -49.00 -4.45 26.75
CA THR B 185 -48.76 -3.28 27.60
C THR B 185 -50.00 -2.45 27.80
N LEU B 186 -50.35 -2.25 29.07
CA LEU B 186 -51.49 -1.43 29.47
C LEU B 186 -51.01 -0.36 30.44
N SER B 187 -51.84 0.65 30.70
CA SER B 187 -51.53 1.64 31.73
C SER B 187 -51.86 0.91 33.04
N LYS B 188 -51.31 1.35 34.18
CA LYS B 188 -51.60 0.70 35.47
C LYS B 188 -53.10 0.75 35.80
N ALA B 189 -53.76 1.90 35.52
CA ALA B 189 -55.19 2.09 35.78
C ALA B 189 -56.03 1.08 34.99
N ASP B 190 -55.72 0.89 33.69
CA ASP B 190 -56.40 -0.10 32.84
C ASP B 190 -56.14 -1.52 33.34
N TYR B 191 -54.88 -1.80 33.77
CA TYR B 191 -54.50 -3.11 34.32
C TYR B 191 -55.29 -3.46 35.59
N GLU B 192 -55.50 -2.47 36.49
CA GLU B 192 -56.21 -2.64 37.76
C GLU B 192 -57.75 -2.81 37.61
N LYS B 193 -58.31 -2.48 36.42
CA LYS B 193 -59.74 -2.60 36.08
C LYS B 193 -60.16 -4.05 35.76
N HIS B 194 -59.19 -4.94 35.49
CA HIS B 194 -59.48 -6.31 35.09
C HIS B 194 -58.82 -7.38 35.94
N LYS B 195 -59.38 -8.61 35.92
CA LYS B 195 -58.88 -9.71 36.73
C LYS B 195 -58.05 -10.75 35.99
N VAL B 196 -58.62 -11.37 34.96
CA VAL B 196 -57.98 -12.46 34.24
C VAL B 196 -57.14 -11.99 33.06
N TYR B 197 -55.85 -12.36 33.06
CA TYR B 197 -54.93 -12.03 31.98
C TYR B 197 -54.46 -13.33 31.39
N ALA B 198 -54.75 -13.54 30.10
CA ALA B 198 -54.45 -14.80 29.45
C ALA B 198 -53.74 -14.64 28.13
N CYS B 199 -52.87 -15.60 27.87
CA CYS B 199 -52.15 -15.74 26.63
C CYS B 199 -52.63 -17.05 25.99
N GLU B 200 -53.25 -16.98 24.79
CA GLU B 200 -53.74 -18.18 24.08
C GLU B 200 -52.88 -18.46 22.85
N VAL B 201 -52.29 -19.65 22.80
CA VAL B 201 -51.32 -20.05 21.80
C VAL B 201 -51.86 -21.15 20.86
N THR B 202 -51.72 -20.91 19.55
CA THR B 202 -52.06 -21.88 18.50
C THR B 202 -50.72 -22.22 17.83
N HIS B 203 -50.46 -23.52 17.60
CA HIS B 203 -49.24 -24.00 16.95
C HIS B 203 -49.51 -25.40 16.40
N GLN B 204 -48.77 -25.79 15.34
CA GLN B 204 -48.91 -27.09 14.69
C GLN B 204 -48.74 -28.28 15.68
N GLY B 205 -47.89 -28.11 16.69
CA GLY B 205 -47.67 -29.16 17.69
C GLY B 205 -48.79 -29.33 18.70
N LEU B 206 -49.80 -28.44 18.67
CA LEU B 206 -50.94 -28.44 19.59
C LEU B 206 -52.23 -28.80 18.88
N SER B 207 -52.99 -29.76 19.42
CA SER B 207 -54.27 -30.18 18.81
C SER B 207 -55.41 -29.19 19.11
N SER B 208 -55.28 -28.43 20.19
CA SER B 208 -56.23 -27.36 20.53
C SER B 208 -55.41 -26.22 21.15
N PRO B 209 -55.87 -24.95 21.09
CA PRO B 209 -55.05 -23.87 21.66
C PRO B 209 -54.77 -24.03 23.14
N VAL B 210 -53.57 -23.61 23.57
CA VAL B 210 -53.14 -23.70 24.96
C VAL B 210 -53.30 -22.29 25.56
N THR B 211 -54.02 -22.20 26.69
CA THR B 211 -54.21 -20.93 27.39
C THR B 211 -53.40 -20.92 28.67
N LYS B 212 -52.54 -19.90 28.83
CA LYS B 212 -51.77 -19.71 30.04
C LYS B 212 -52.30 -18.42 30.65
N SER B 213 -52.72 -18.46 31.92
CA SER B 213 -53.34 -17.30 32.52
C SER B 213 -53.04 -17.14 33.99
N PHE B 214 -53.37 -15.96 34.51
CA PHE B 214 -53.26 -15.65 35.93
C PHE B 214 -54.36 -14.66 36.31
N ASN B 215 -54.63 -14.57 37.62
CA ASN B 215 -55.58 -13.63 38.20
C ASN B 215 -54.76 -12.51 38.86
N ARG B 216 -54.99 -11.25 38.46
CA ARG B 216 -54.28 -10.10 39.01
C ARG B 216 -54.41 -10.07 40.55
N GLY B 217 -53.27 -10.05 41.24
CA GLY B 217 -53.21 -10.04 42.70
C GLY B 217 -52.72 -11.36 43.26
N GLU B 218 -53.25 -12.49 42.71
CA GLU B 218 -52.89 -13.85 43.09
C GLU B 218 -51.48 -14.21 42.64
N GLN C 1 21.80 -3.14 2.19
CA GLN C 1 21.67 -4.39 1.45
C GLN C 1 20.54 -4.30 0.43
N VAL C 2 19.81 -3.19 0.45
CA VAL C 2 18.73 -2.89 -0.48
C VAL C 2 19.37 -2.62 -1.84
N GLN C 3 18.85 -3.26 -2.88
CA GLN C 3 19.33 -3.07 -4.24
C GLN C 3 18.19 -2.98 -5.22
N LEU C 4 18.30 -2.06 -6.19
CA LEU C 4 17.34 -1.91 -7.27
C LEU C 4 18.20 -2.00 -8.52
N VAL C 5 18.06 -3.13 -9.24
CA VAL C 5 18.88 -3.39 -10.42
C VAL C 5 17.99 -3.34 -11.67
N GLN C 6 18.27 -2.33 -12.50
CA GLN C 6 17.49 -2.11 -13.70
C GLN C 6 18.06 -2.83 -14.90
N SER C 7 17.20 -3.03 -15.90
CA SER C 7 17.55 -3.65 -17.17
C SER C 7 18.44 -2.69 -17.99
N GLY C 8 19.18 -3.24 -18.97
CA GLY C 8 20.13 -2.47 -19.76
C GLY C 8 19.54 -1.48 -20.74
N ALA C 9 20.41 -0.60 -21.29
CA ALA C 9 20.05 0.41 -22.27
C ALA C 9 19.38 -0.22 -23.47
N GLU C 10 18.40 0.50 -24.02
CA GLU C 10 17.61 0.05 -25.14
C GLU C 10 17.57 1.10 -26.21
N VAL C 11 17.40 0.66 -27.45
CA VAL C 11 17.21 1.55 -28.58
C VAL C 11 15.99 1.05 -29.34
N LYS C 12 15.05 1.95 -29.66
CA LYS C 12 13.81 1.59 -30.36
C LYS C 12 13.49 2.56 -31.46
N LYS C 13 12.83 2.07 -32.51
CA LYS C 13 12.41 2.93 -33.61
C LYS C 13 11.13 3.68 -33.18
N PRO C 14 10.83 4.89 -33.73
CA PRO C 14 9.56 5.54 -33.38
C PRO C 14 8.36 4.63 -33.67
N GLY C 15 7.36 4.70 -32.79
CA GLY C 15 6.16 3.88 -32.88
C GLY C 15 6.21 2.57 -32.11
N ALA C 16 7.43 2.09 -31.78
CA ALA C 16 7.60 0.84 -31.04
C ALA C 16 7.29 0.99 -29.54
N SER C 17 7.41 -0.13 -28.78
CA SER C 17 7.21 -0.15 -27.34
C SER C 17 8.46 -0.70 -26.68
N VAL C 18 8.63 -0.43 -25.38
CA VAL C 18 9.74 -0.92 -24.58
C VAL C 18 9.26 -1.15 -23.15
N LYS C 19 9.74 -2.23 -22.53
CA LYS C 19 9.39 -2.57 -21.15
C LYS C 19 10.69 -2.68 -20.34
N VAL C 20 10.90 -1.69 -19.46
CA VAL C 20 12.07 -1.56 -18.59
C VAL C 20 11.74 -2.28 -17.29
N SER C 21 12.70 -3.03 -16.74
CA SER C 21 12.50 -3.75 -15.49
C SER C 21 13.37 -3.21 -14.38
N CYS C 22 12.94 -3.44 -13.13
CA CYS C 22 13.60 -3.01 -11.92
C CYS C 22 13.50 -4.17 -10.92
N LYS C 23 14.59 -4.93 -10.77
CA LYS C 23 14.68 -6.09 -9.88
C LYS C 23 15.09 -5.65 -8.49
N ALA C 24 14.20 -5.88 -7.51
CA ALA C 24 14.43 -5.48 -6.13
C ALA C 24 14.93 -6.63 -5.27
N SER C 25 15.85 -6.33 -4.34
CA SER C 25 16.40 -7.31 -3.40
C SER C 25 16.83 -6.63 -2.09
N GLY C 26 16.99 -7.42 -1.03
CA GLY C 26 17.45 -6.91 0.26
C GLY C 26 16.38 -6.33 1.15
N TYR C 27 15.11 -6.47 0.74
CA TYR C 27 13.93 -6.02 1.48
C TYR C 27 12.71 -6.77 0.98
N THR C 28 11.60 -6.72 1.73
CA THR C 28 10.34 -7.36 1.34
C THR C 28 9.67 -6.48 0.27
N PHE C 29 9.68 -6.94 -0.98
CA PHE C 29 9.16 -6.22 -2.15
C PHE C 29 7.83 -5.47 -1.94
N THR C 30 6.85 -6.14 -1.35
CA THR C 30 5.49 -5.59 -1.14
C THR C 30 5.40 -4.50 -0.06
N ASP C 31 6.49 -4.26 0.69
CA ASP C 31 6.49 -3.26 1.76
C ASP C 31 6.43 -1.82 1.30
N TYR C 32 7.07 -1.50 0.18
CA TYR C 32 7.20 -0.10 -0.29
C TYR C 32 6.73 0.09 -1.72
N TYR C 33 6.08 1.23 -1.99
CA TYR C 33 5.63 1.60 -3.33
C TYR C 33 6.84 1.79 -4.21
N MET C 34 6.73 1.41 -5.47
CA MET C 34 7.81 1.57 -6.45
C MET C 34 7.48 2.79 -7.28
N HIS C 35 8.40 3.74 -7.31
CA HIS C 35 8.25 4.98 -8.05
C HIS C 35 9.13 4.97 -9.29
N TRP C 36 8.67 5.66 -10.33
CA TRP C 36 9.45 5.78 -11.57
C TRP C 36 9.69 7.26 -11.83
N VAL C 37 10.95 7.58 -12.13
CA VAL C 37 11.36 8.96 -12.36
C VAL C 37 12.06 9.04 -13.71
N ARG C 38 11.73 10.06 -14.52
CA ARG C 38 12.33 10.27 -15.83
C ARG C 38 13.35 11.40 -15.77
N GLN C 39 14.45 11.25 -16.52
CA GLN C 39 15.46 12.30 -16.67
C GLN C 39 15.90 12.34 -18.13
N ALA C 40 15.39 13.28 -18.91
CA ALA C 40 15.80 13.40 -20.32
C ALA C 40 17.31 13.78 -20.37
N PRO C 41 18.12 13.26 -21.33
CA PRO C 41 19.57 13.60 -21.34
C PRO C 41 19.78 15.11 -21.39
N GLY C 42 20.57 15.62 -20.43
CA GLY C 42 20.85 17.03 -20.29
C GLY C 42 19.69 17.83 -19.72
N GLN C 43 18.70 17.14 -19.09
CA GLN C 43 17.50 17.76 -18.51
C GLN C 43 17.34 17.43 -17.02
N GLY C 44 16.25 17.94 -16.45
CA GLY C 44 15.86 17.72 -15.07
C GLY C 44 15.12 16.42 -14.85
N LEU C 45 14.52 16.30 -13.68
CA LEU C 45 13.85 15.13 -13.18
C LEU C 45 12.34 15.32 -13.09
N GLU C 46 11.59 14.27 -13.45
CA GLU C 46 10.13 14.25 -13.39
C GLU C 46 9.65 12.93 -12.79
N TRP C 47 8.73 13.02 -11.84
CA TRP C 47 8.11 11.85 -11.22
C TRP C 47 7.00 11.39 -12.17
N MET C 48 7.09 10.15 -12.65
CA MET C 48 6.14 9.55 -13.60
C MET C 48 4.91 8.94 -12.94
N GLY C 49 5.11 8.36 -11.77
CA GLY C 49 4.05 7.67 -11.07
C GLY C 49 4.56 6.66 -10.07
N GLU C 50 3.63 5.97 -9.43
CA GLU C 50 3.96 4.98 -8.42
C GLU C 50 3.10 3.73 -8.53
N THR C 51 3.67 2.59 -8.13
CA THR C 51 2.97 1.31 -8.12
C THR C 51 2.95 0.76 -6.71
N ASN C 52 1.78 0.30 -6.26
CA ASN C 52 1.66 -0.39 -5.00
C ASN C 52 2.02 -1.86 -5.34
N PRO C 53 3.17 -2.39 -4.89
CA PRO C 53 3.54 -3.76 -5.30
C PRO C 53 2.65 -4.86 -4.73
N ARG C 54 1.95 -4.58 -3.62
CA ARG C 54 1.06 -5.54 -2.97
C ARG C 54 -0.22 -5.83 -3.78
N ASN C 55 -0.86 -4.80 -4.35
CA ASN C 55 -2.11 -4.96 -5.10
C ASN C 55 -2.10 -4.50 -6.57
N GLY C 56 -0.96 -3.99 -7.05
CA GLY C 56 -0.85 -3.52 -8.42
C GLY C 56 -1.48 -2.17 -8.70
N GLY C 57 -2.03 -1.54 -7.66
CA GLY C 57 -2.62 -0.20 -7.74
C GLY C 57 -1.60 0.81 -8.22
N THR C 58 -2.03 1.71 -9.12
CA THR C 58 -1.14 2.72 -9.69
C THR C 58 -1.68 4.13 -9.58
N THR C 59 -0.78 5.11 -9.53
CA THR C 59 -1.10 6.52 -9.59
C THR C 59 -0.11 7.11 -10.56
N TYR C 60 -0.61 7.71 -11.65
CA TYR C 60 0.26 8.30 -12.66
C TYR C 60 0.27 9.80 -12.58
N ASN C 61 1.41 10.39 -12.98
CA ASN C 61 1.47 11.82 -13.19
C ASN C 61 0.67 11.94 -14.52
N GLU C 62 -0.36 12.82 -14.58
CA GLU C 62 -1.22 13.03 -15.76
C GLU C 62 -0.45 13.17 -17.08
N LYS C 63 0.73 13.81 -17.04
CA LYS C 63 1.61 14.01 -18.20
C LYS C 63 2.02 12.68 -18.86
N PHE C 64 2.06 11.57 -18.07
CA PHE C 64 2.48 10.27 -18.55
C PHE C 64 1.39 9.23 -18.78
N LYS C 65 0.10 9.60 -18.56
CA LYS C 65 -1.04 8.71 -18.82
C LYS C 65 -1.13 8.44 -20.33
N GLY C 66 -1.33 7.19 -20.69
CA GLY C 66 -1.40 6.79 -22.10
C GLY C 66 -0.05 6.55 -22.73
N LYS C 67 1.03 6.91 -22.01
CA LYS C 67 2.42 6.72 -22.46
C LYS C 67 3.05 5.62 -21.63
N ALA C 68 2.90 5.70 -20.30
CA ALA C 68 3.49 4.78 -19.35
C ALA C 68 2.48 3.83 -18.77
N THR C 69 2.88 2.57 -18.62
CA THR C 69 2.07 1.54 -17.98
C THR C 69 2.95 0.84 -16.96
N MET C 70 2.60 0.98 -15.69
CA MET C 70 3.39 0.39 -14.62
C MET C 70 2.74 -0.90 -14.16
N THR C 71 3.56 -1.95 -13.98
CA THR C 71 3.13 -3.26 -13.49
C THR C 71 4.20 -3.84 -12.55
N ARG C 72 3.94 -5.02 -11.98
CA ARG C 72 4.91 -5.70 -11.15
C ARG C 72 4.67 -7.20 -11.15
N ASP C 73 5.72 -7.96 -10.81
CA ASP C 73 5.66 -9.42 -10.66
C ASP C 73 6.22 -9.70 -9.28
N THR C 74 5.32 -9.88 -8.29
CA THR C 74 5.68 -10.15 -6.89
C THR C 74 6.52 -11.43 -6.68
N SER C 75 6.29 -12.45 -7.53
CA SER C 75 7.00 -13.74 -7.45
C SER C 75 8.50 -13.61 -7.74
N THR C 76 8.90 -12.59 -8.52
CA THR C 76 10.30 -12.33 -8.88
C THR C 76 10.81 -11.00 -8.31
N SER C 77 9.98 -10.30 -7.50
CA SER C 77 10.30 -8.99 -6.90
C SER C 77 10.77 -7.99 -7.98
N THR C 78 10.05 -7.97 -9.12
CA THR C 78 10.39 -7.09 -10.25
C THR C 78 9.26 -6.14 -10.59
N ALA C 79 9.59 -4.84 -10.70
CA ALA C 79 8.63 -3.82 -11.13
C ALA C 79 8.97 -3.48 -12.59
N TYR C 80 7.96 -3.13 -13.36
CA TYR C 80 8.09 -2.85 -14.79
C TYR C 80 7.45 -1.53 -15.17
N MET C 81 8.04 -0.89 -16.19
CA MET C 81 7.55 0.37 -16.74
C MET C 81 7.54 0.17 -18.25
N GLU C 82 6.35 0.16 -18.84
CA GLU C 82 6.18 0.00 -20.27
C GLU C 82 5.86 1.32 -20.92
N LEU C 83 6.64 1.69 -21.94
CA LEU C 83 6.45 2.93 -22.69
C LEU C 83 5.92 2.55 -24.05
N SER C 84 4.76 3.12 -24.44
CA SER C 84 4.13 2.79 -25.73
C SER C 84 4.23 3.96 -26.71
N SER C 85 4.04 3.67 -28.02
CA SER C 85 4.05 4.64 -29.14
C SER C 85 5.25 5.60 -29.03
N LEU C 86 6.44 5.02 -28.95
CA LEU C 86 7.67 5.76 -28.74
C LEU C 86 7.93 6.85 -29.75
N ARG C 87 8.35 8.00 -29.23
CA ARG C 87 8.70 9.15 -30.04
C ARG C 87 10.05 9.68 -29.55
N SER C 88 10.70 10.53 -30.34
CA SER C 88 12.00 11.10 -30.01
C SER C 88 12.05 11.67 -28.58
N GLU C 89 10.98 12.32 -28.16
CA GLU C 89 10.81 12.95 -26.85
C GLU C 89 10.88 11.96 -25.68
N ASP C 90 10.74 10.65 -25.97
CA ASP C 90 10.83 9.62 -24.93
C ASP C 90 12.27 9.23 -24.60
N THR C 91 13.25 9.75 -25.37
CA THR C 91 14.66 9.48 -25.13
C THR C 91 15.00 10.10 -23.78
N ALA C 92 15.35 9.25 -22.82
CA ALA C 92 15.62 9.64 -21.45
C ALA C 92 16.16 8.50 -20.64
N VAL C 93 16.62 8.82 -19.43
CA VAL C 93 17.04 7.83 -18.45
C VAL C 93 15.81 7.65 -17.54
N TYR C 94 15.42 6.39 -17.30
CA TYR C 94 14.28 6.04 -16.46
C TYR C 94 14.82 5.37 -15.21
N TYR C 95 14.43 5.89 -14.04
CA TYR C 95 14.86 5.37 -12.75
C TYR C 95 13.71 4.76 -12.01
N CYS C 96 13.97 3.66 -11.30
CA CYS C 96 13.01 3.15 -10.34
C CYS C 96 13.60 3.57 -8.99
N THR C 97 12.73 3.95 -8.04
CA THR C 97 13.17 4.42 -6.73
C THR C 97 12.13 4.10 -5.65
N ILE C 98 12.60 3.90 -4.42
CA ILE C 98 11.74 3.61 -3.27
C ILE C 98 12.12 4.47 -2.07
N GLY C 99 11.22 4.53 -1.09
CA GLY C 99 11.43 5.20 0.17
C GLY C 99 11.23 4.16 1.25
N THR C 100 12.35 3.54 1.73
CA THR C 100 12.30 2.46 2.74
C THR C 100 11.78 2.83 4.13
N SER C 101 11.52 4.13 4.37
CA SER C 101 10.92 4.61 5.61
C SER C 101 9.42 4.31 5.60
N GLY C 102 8.86 4.10 4.41
CA GLY C 102 7.44 3.88 4.20
C GLY C 102 6.78 5.18 3.78
N TYR C 103 7.56 6.28 3.73
CA TYR C 103 7.15 7.61 3.30
C TYR C 103 7.89 7.96 2.02
N ASP C 104 7.33 8.87 1.22
CA ASP C 104 7.85 9.19 -0.12
C ASP C 104 9.10 10.07 -0.29
N TYR C 105 10.04 9.93 0.64
CA TYR C 105 11.34 10.54 0.47
C TYR C 105 12.23 9.39 0.01
N PHE C 106 12.59 9.42 -1.28
CA PHE C 106 13.31 8.33 -1.94
C PHE C 106 14.76 8.22 -1.46
N ASP C 107 15.11 7.05 -0.87
CA ASP C 107 16.45 6.79 -0.34
C ASP C 107 17.27 5.81 -1.16
N TYR C 108 16.60 4.92 -1.94
CA TYR C 108 17.29 3.97 -2.80
C TYR C 108 16.78 4.14 -4.22
N TRP C 109 17.72 4.11 -5.17
CA TRP C 109 17.43 4.29 -6.59
C TRP C 109 18.12 3.20 -7.40
N GLY C 110 17.50 2.83 -8.51
CA GLY C 110 18.11 1.94 -9.49
C GLY C 110 19.21 2.71 -10.20
N GLN C 111 20.03 2.03 -11.00
CA GLN C 111 21.13 2.72 -11.71
C GLN C 111 20.66 3.53 -12.93
N GLY C 112 19.39 3.36 -13.28
CA GLY C 112 18.77 4.03 -14.42
C GLY C 112 18.92 3.22 -15.70
N THR C 113 17.94 3.37 -16.61
CA THR C 113 17.94 2.72 -17.92
C THR C 113 17.80 3.80 -18.99
N LEU C 114 18.78 3.91 -19.88
CA LEU C 114 18.69 4.87 -20.96
C LEU C 114 17.94 4.21 -22.11
N VAL C 115 16.83 4.83 -22.53
CA VAL C 115 16.03 4.36 -23.66
C VAL C 115 16.23 5.44 -24.75
N THR C 116 16.71 5.05 -25.93
CA THR C 116 16.88 6.01 -27.02
C THR C 116 15.89 5.67 -28.13
N VAL C 117 15.16 6.66 -28.63
CA VAL C 117 14.20 6.47 -29.72
C VAL C 117 14.80 7.10 -30.97
N SER C 118 15.15 6.26 -31.95
CA SER C 118 15.80 6.73 -33.17
C SER C 118 15.51 5.82 -34.34
N SER C 119 15.49 6.39 -35.56
CA SER C 119 15.37 5.62 -36.79
C SER C 119 16.78 5.32 -37.38
N ALA C 120 17.84 5.96 -36.80
CA ALA C 120 19.23 5.72 -37.25
C ALA C 120 19.70 4.31 -36.89
N SER C 121 20.67 3.78 -37.67
CA SER C 121 21.18 2.42 -37.47
C SER C 121 22.04 2.28 -36.21
N THR C 122 21.81 1.22 -35.44
CA THR C 122 22.61 0.86 -34.27
C THR C 122 23.98 0.38 -34.79
N LYS C 123 25.06 0.86 -34.14
CA LYS C 123 26.41 0.41 -34.51
C LYS C 123 27.20 0.15 -33.23
N GLY C 124 27.88 -0.99 -33.18
CA GLY C 124 28.77 -1.36 -32.09
C GLY C 124 30.13 -0.70 -32.26
N PRO C 125 30.83 -0.35 -31.16
CA PRO C 125 32.13 0.32 -31.34
C PRO C 125 33.29 -0.62 -31.61
N SER C 126 34.39 -0.04 -32.08
CA SER C 126 35.67 -0.69 -32.18
C SER C 126 36.40 -0.20 -30.93
N VAL C 127 37.17 -1.05 -30.27
CA VAL C 127 37.88 -0.68 -29.05
C VAL C 127 39.37 -0.77 -29.37
N PHE C 128 40.07 0.36 -29.27
CA PHE C 128 41.51 0.40 -29.57
C PHE C 128 42.30 0.79 -28.34
N PRO C 129 43.50 0.21 -28.15
CA PRO C 129 44.31 0.59 -26.99
C PRO C 129 44.98 1.94 -27.17
N LEU C 130 45.17 2.64 -26.05
CA LEU C 130 45.97 3.87 -25.97
C LEU C 130 47.13 3.43 -25.07
N ALA C 131 48.13 2.80 -25.70
CA ALA C 131 49.27 2.19 -25.02
C ALA C 131 50.16 3.19 -24.30
N PRO C 132 50.63 2.86 -23.07
CA PRO C 132 51.56 3.77 -22.39
C PRO C 132 52.90 3.70 -23.11
N SER C 133 53.56 4.86 -23.27
CA SER C 133 54.85 4.97 -23.95
C SER C 133 55.62 6.13 -23.33
N SER C 134 56.84 6.44 -23.86
CA SER C 134 57.61 7.59 -23.40
C SER C 134 56.88 8.91 -23.70
N LYS C 135 55.86 8.87 -24.60
CA LYS C 135 55.04 10.03 -24.97
C LYS C 135 53.83 10.20 -24.05
N SER C 136 53.61 9.26 -23.13
CA SER C 136 52.51 9.35 -22.19
C SER C 136 52.98 9.21 -20.74
N THR C 137 54.25 9.56 -20.48
CA THR C 137 54.79 9.55 -19.11
C THR C 137 54.92 10.96 -18.57
N SER C 138 54.80 11.09 -17.24
CA SER C 138 54.94 12.36 -16.52
C SER C 138 55.49 12.06 -15.11
N GLY C 139 56.76 12.39 -14.89
CA GLY C 139 57.44 12.21 -13.60
C GLY C 139 57.16 10.93 -12.83
N GLY C 140 57.43 9.79 -13.46
CA GLY C 140 57.22 8.49 -12.83
C GLY C 140 55.84 7.88 -13.01
N THR C 141 54.92 8.63 -13.62
CA THR C 141 53.55 8.12 -13.87
C THR C 141 53.38 7.89 -15.36
N ALA C 142 52.54 6.93 -15.73
CA ALA C 142 52.25 6.65 -17.13
C ALA C 142 50.73 6.74 -17.36
N ALA C 143 50.31 7.37 -18.46
CA ALA C 143 48.91 7.42 -18.80
C ALA C 143 48.67 6.36 -19.88
N LEU C 144 47.53 5.70 -19.81
CA LEU C 144 47.13 4.70 -20.80
C LEU C 144 45.63 4.72 -20.92
N GLY C 145 45.08 4.05 -21.93
CA GLY C 145 43.63 4.05 -22.03
C GLY C 145 43.06 3.19 -23.13
N CYS C 146 41.79 3.45 -23.44
CA CYS C 146 41.07 2.80 -24.53
C CYS C 146 40.26 3.83 -25.28
N LEU C 147 40.33 3.74 -26.61
CA LEU C 147 39.54 4.58 -27.51
C LEU C 147 38.36 3.73 -27.98
N VAL C 148 37.13 4.17 -27.67
CA VAL C 148 35.90 3.43 -27.99
C VAL C 148 35.27 4.20 -29.16
N LYS C 149 35.60 3.77 -30.37
CA LYS C 149 35.26 4.47 -31.61
C LYS C 149 34.05 3.99 -32.39
N ASP C 150 33.25 4.98 -32.87
CA ASP C 150 32.13 4.81 -33.79
C ASP C 150 31.02 3.89 -33.33
N TYR C 151 30.16 4.40 -32.45
CA TYR C 151 29.03 3.63 -31.98
C TYR C 151 27.76 4.45 -31.96
N PHE C 152 26.64 3.77 -31.88
CA PHE C 152 25.33 4.41 -31.81
C PHE C 152 24.30 3.42 -31.27
N PRO C 153 23.36 3.86 -30.38
CA PRO C 153 23.27 5.17 -29.72
C PRO C 153 24.15 5.15 -28.45
N GLU C 154 23.91 6.07 -27.53
CA GLU C 154 24.58 6.00 -26.25
C GLU C 154 23.81 4.90 -25.43
N PRO C 155 24.37 4.34 -24.34
CA PRO C 155 25.65 4.63 -23.71
C PRO C 155 26.69 3.51 -23.86
N VAL C 156 27.93 3.91 -23.71
CA VAL C 156 29.06 3.00 -23.58
C VAL C 156 29.48 3.12 -22.12
N THR C 157 29.70 2.00 -21.43
CA THR C 157 30.27 2.01 -20.09
C THR C 157 31.69 1.46 -20.20
N VAL C 158 32.59 1.95 -19.35
CA VAL C 158 33.97 1.47 -19.29
C VAL C 158 34.34 1.27 -17.84
N SER C 159 34.92 0.12 -17.52
CA SER C 159 35.53 -0.13 -16.24
C SER C 159 36.95 -0.60 -16.53
N TRP C 160 37.80 -0.55 -15.52
CA TRP C 160 39.18 -1.00 -15.63
C TRP C 160 39.38 -2.15 -14.68
N ASN C 161 39.99 -3.24 -15.17
CA ASN C 161 40.30 -4.45 -14.37
C ASN C 161 39.07 -4.94 -13.56
N SER C 162 37.93 -5.02 -14.27
CA SER C 162 36.65 -5.47 -13.73
C SER C 162 36.13 -4.65 -12.52
N GLY C 163 36.51 -3.38 -12.48
CA GLY C 163 36.11 -2.46 -11.40
C GLY C 163 37.10 -2.35 -10.26
N ALA C 164 38.21 -3.13 -10.30
CA ALA C 164 39.24 -3.09 -9.24
C ALA C 164 40.16 -1.87 -9.38
N LEU C 165 40.19 -1.22 -10.57
CA LEU C 165 41.00 -0.04 -10.81
C LEU C 165 40.08 1.14 -11.08
N THR C 166 40.01 2.08 -10.12
CA THR C 166 39.14 3.27 -10.23
C THR C 166 39.91 4.57 -10.03
N SER C 167 40.97 4.52 -9.20
CA SER C 167 41.79 5.70 -8.92
C SER C 167 42.52 6.16 -10.20
N GLY C 168 42.42 7.45 -10.47
CA GLY C 168 43.08 8.07 -11.62
C GLY C 168 42.40 7.81 -12.95
N VAL C 169 41.17 7.27 -12.94
CA VAL C 169 40.43 6.98 -14.19
C VAL C 169 39.64 8.22 -14.60
N HIS C 170 39.65 8.54 -15.91
CA HIS C 170 38.80 9.58 -16.49
C HIS C 170 38.10 8.98 -17.70
N THR C 171 36.79 8.82 -17.63
CA THR C 171 36.02 8.31 -18.75
C THR C 171 35.30 9.54 -19.27
N PHE C 172 35.69 9.97 -20.44
CA PHE C 172 35.23 11.22 -21.04
C PHE C 172 33.83 11.18 -21.58
N PRO C 173 33.11 12.33 -21.59
CA PRO C 173 31.81 12.36 -22.27
C PRO C 173 31.99 12.05 -23.75
N ALA C 174 31.04 11.31 -24.32
CA ALA C 174 31.11 10.95 -25.73
C ALA C 174 31.00 12.20 -26.61
N VAL C 175 31.66 12.15 -27.78
CA VAL C 175 31.58 13.20 -28.82
C VAL C 175 30.74 12.66 -29.96
N LEU C 176 29.97 13.54 -30.63
CA LEU C 176 29.11 13.14 -31.74
C LEU C 176 29.78 13.58 -33.06
N GLN C 177 30.15 12.61 -33.89
CA GLN C 177 30.82 12.85 -35.17
C GLN C 177 29.77 13.28 -36.22
N SER C 178 30.22 13.95 -37.32
CA SER C 178 29.28 14.40 -38.37
C SER C 178 28.42 13.26 -38.94
N SER C 179 28.97 12.03 -38.96
CA SER C 179 28.31 10.78 -39.40
C SER C 179 27.13 10.37 -38.51
N GLY C 180 27.03 10.97 -37.32
CA GLY C 180 25.99 10.64 -36.35
C GLY C 180 26.41 9.52 -35.41
N LEU C 181 27.68 9.10 -35.48
CA LEU C 181 28.26 8.07 -34.60
C LEU C 181 29.02 8.74 -33.45
N TYR C 182 28.99 8.09 -32.27
CA TYR C 182 29.68 8.61 -31.11
C TYR C 182 31.06 7.96 -30.97
N SER C 183 31.92 8.61 -30.21
N SER C 183 31.93 8.62 -30.21
CA SER C 183 33.21 8.06 -29.82
CA SER C 183 33.26 8.12 -29.87
C SER C 183 33.50 8.57 -28.43
C SER C 183 33.64 8.65 -28.48
N LEU C 184 34.23 7.80 -27.65
CA LEU C 184 34.67 8.22 -26.32
C LEU C 184 36.00 7.62 -25.98
N SER C 185 36.69 8.22 -25.02
N SER C 185 36.68 8.24 -25.01
CA SER C 185 37.95 7.68 -24.53
CA SER C 185 37.97 7.79 -24.49
C SER C 185 37.89 7.54 -23.02
C SER C 185 37.85 7.54 -22.99
N SER C 186 38.61 6.55 -22.48
CA SER C 186 38.72 6.27 -21.04
C SER C 186 40.20 6.11 -20.80
N VAL C 187 40.74 6.86 -19.82
CA VAL C 187 42.18 6.83 -19.56
C VAL C 187 42.40 6.58 -18.08
N VAL C 188 43.63 6.22 -17.71
CA VAL C 188 44.02 5.98 -16.32
C VAL C 188 45.50 6.26 -16.22
N THR C 189 45.92 6.88 -15.10
CA THR C 189 47.31 7.17 -14.79
C THR C 189 47.74 6.14 -13.74
N VAL C 190 48.87 5.47 -14.01
CA VAL C 190 49.39 4.40 -13.14
C VAL C 190 50.90 4.59 -12.88
N PRO C 191 51.53 3.79 -11.99
CA PRO C 191 52.99 3.91 -11.83
C PRO C 191 53.73 3.41 -13.06
N SER C 192 54.74 4.16 -13.56
CA SER C 192 55.49 3.70 -14.73
CA SER C 192 55.53 3.71 -14.72
C SER C 192 56.37 2.49 -14.35
N SER C 193 56.80 2.43 -13.06
CA SER C 193 57.68 1.36 -12.53
C SER C 193 57.14 -0.04 -12.68
N SER C 194 55.82 -0.20 -12.59
CA SER C 194 55.17 -1.53 -12.61
C SER C 194 54.45 -1.91 -13.90
N LEU C 195 54.72 -1.21 -15.02
CA LEU C 195 54.12 -1.55 -16.32
C LEU C 195 54.41 -3.00 -16.75
N GLY C 196 55.56 -3.53 -16.31
CA GLY C 196 55.94 -4.89 -16.64
C GLY C 196 55.31 -5.98 -15.78
N THR C 197 54.68 -5.63 -14.62
CA THR C 197 54.09 -6.61 -13.70
C THR C 197 52.58 -6.50 -13.56
N GLN C 198 52.00 -5.31 -13.82
CA GLN C 198 50.55 -5.11 -13.71
C GLN C 198 49.89 -5.25 -15.08
N THR C 199 48.66 -5.76 -15.10
CA THR C 199 47.86 -5.93 -16.31
C THR C 199 46.70 -4.94 -16.26
N TYR C 200 46.55 -4.15 -17.34
CA TYR C 200 45.48 -3.17 -17.45
C TYR C 200 44.53 -3.55 -18.58
N ILE C 201 43.28 -3.81 -18.20
CA ILE C 201 42.25 -4.23 -19.15
C ILE C 201 41.08 -3.27 -19.05
N CYS C 202 40.66 -2.72 -20.19
CA CYS C 202 39.44 -1.90 -20.16
C CYS C 202 38.28 -2.80 -20.55
N ASN C 203 37.22 -2.78 -19.73
CA ASN C 203 36.02 -3.58 -19.96
C ASN C 203 34.98 -2.64 -20.55
N VAL C 204 34.71 -2.79 -21.85
CA VAL C 204 33.80 -1.92 -22.58
C VAL C 204 32.47 -2.62 -22.88
N ASN C 205 31.34 -1.97 -22.53
CA ASN C 205 30.02 -2.53 -22.82
C ASN C 205 29.20 -1.54 -23.60
N HIS C 206 28.55 -1.99 -24.69
CA HIS C 206 27.61 -1.19 -25.47
C HIS C 206 26.40 -2.10 -25.65
N LYS C 207 25.49 -2.10 -24.65
CA LYS C 207 24.30 -2.97 -24.62
C LYS C 207 23.44 -2.94 -25.90
N PRO C 208 23.11 -1.76 -26.51
CA PRO C 208 22.31 -1.79 -27.75
C PRO C 208 22.85 -2.66 -28.89
N SER C 209 24.19 -2.85 -28.97
CA SER C 209 24.82 -3.66 -30.01
C SER C 209 25.35 -5.00 -29.46
N ASN C 210 25.05 -5.32 -28.19
CA ASN C 210 25.54 -6.53 -27.49
C ASN C 210 27.07 -6.60 -27.51
N THR C 211 27.74 -5.42 -27.48
CA THR C 211 29.21 -5.36 -27.49
C THR C 211 29.66 -5.55 -26.04
N LYS C 212 30.62 -6.46 -25.82
CA LYS C 212 31.20 -6.70 -24.51
C LYS C 212 32.65 -7.06 -24.82
N VAL C 213 33.55 -6.07 -24.68
CA VAL C 213 34.97 -6.23 -25.02
C VAL C 213 35.84 -6.00 -23.79
N ASP C 214 36.84 -6.88 -23.58
CA ASP C 214 37.84 -6.78 -22.51
C ASP C 214 39.17 -6.66 -23.23
N LYS C 215 39.66 -5.42 -23.36
CA LYS C 215 40.89 -5.12 -24.11
C LYS C 215 42.08 -4.89 -23.21
N LYS C 216 43.10 -5.77 -23.33
CA LYS C 216 44.34 -5.65 -22.58
C LYS C 216 45.20 -4.59 -23.24
N VAL C 217 45.63 -3.59 -22.45
CA VAL C 217 46.43 -2.49 -22.98
C VAL C 217 47.89 -2.78 -22.67
N GLU C 218 48.65 -3.14 -23.72
CA GLU C 218 50.06 -3.54 -23.63
C GLU C 218 51.02 -2.34 -23.68
N PRO C 219 52.03 -2.25 -22.78
CA PRO C 219 53.00 -1.14 -22.84
C PRO C 219 53.84 -1.19 -24.11
N LYS C 220 54.22 -0.01 -24.61
CA LYS C 220 55.05 0.13 -25.80
C LYS C 220 56.53 0.15 -25.45
N ASP D 1 -0.21 21.79 -11.52
CA ASP D 1 0.89 21.15 -10.80
C ASP D 1 1.69 22.15 -10.01
N ILE D 2 2.38 21.67 -8.97
CA ILE D 2 3.21 22.52 -8.13
C ILE D 2 4.57 22.70 -8.79
N VAL D 3 4.91 23.95 -9.11
CA VAL D 3 6.20 24.28 -9.72
C VAL D 3 7.20 24.61 -8.62
N MET D 4 8.39 23.96 -8.67
CA MET D 4 9.47 24.17 -7.71
C MET D 4 10.55 24.99 -8.42
N THR D 5 10.78 26.23 -7.96
CA THR D 5 11.76 27.12 -8.58
C THR D 5 12.96 27.29 -7.69
N GLN D 6 14.12 26.90 -8.20
CA GLN D 6 15.38 27.03 -7.47
C GLN D 6 16.13 28.28 -7.87
N THR D 7 16.82 28.88 -6.88
CA THR D 7 17.68 30.07 -7.04
C THR D 7 18.94 29.88 -6.17
N PRO D 8 20.16 30.10 -6.70
CA PRO D 8 20.50 30.46 -8.09
C PRO D 8 20.51 29.21 -8.99
N LEU D 9 20.72 29.39 -10.30
CA LEU D 9 20.79 28.28 -11.26
C LEU D 9 22.14 27.58 -11.13
N SER D 10 23.16 28.34 -10.71
CA SER D 10 24.52 27.85 -10.51
C SER D 10 25.27 28.75 -9.55
N LEU D 11 26.28 28.19 -8.88
CA LEU D 11 27.14 28.92 -7.96
C LEU D 11 28.53 28.33 -7.94
N SER D 12 29.52 29.19 -7.70
CA SER D 12 30.93 28.83 -7.67
C SER D 12 31.45 29.21 -6.29
N VAL D 13 31.89 28.22 -5.51
CA VAL D 13 32.33 28.44 -4.12
C VAL D 13 33.72 27.86 -3.82
N THR D 14 34.52 28.60 -3.02
CA THR D 14 35.84 28.16 -2.57
C THR D 14 35.61 27.23 -1.36
N PRO D 15 36.32 26.08 -1.23
CA PRO D 15 36.12 25.22 -0.05
C PRO D 15 36.38 25.97 1.25
N GLY D 16 35.50 25.74 2.23
CA GLY D 16 35.52 26.41 3.52
C GLY D 16 34.45 27.49 3.60
N GLN D 17 34.04 28.02 2.44
CA GLN D 17 33.02 29.07 2.34
C GLN D 17 31.60 28.49 2.36
N PRO D 18 30.58 29.27 2.77
CA PRO D 18 29.22 28.71 2.78
C PRO D 18 28.53 28.78 1.41
N ALA D 19 27.46 27.98 1.28
CA ALA D 19 26.63 27.98 0.09
C ALA D 19 25.19 27.92 0.56
N SER D 20 24.30 28.57 -0.18
CA SER D 20 22.87 28.62 0.14
C SER D 20 22.10 28.48 -1.16
N ILE D 21 21.13 27.55 -1.19
CA ILE D 21 20.28 27.29 -2.35
C ILE D 21 18.83 27.42 -1.90
N SER D 22 18.04 28.19 -2.63
CA SER D 22 16.63 28.41 -2.34
C SER D 22 15.75 27.62 -3.27
N CYS D 23 14.61 27.14 -2.73
CA CYS D 23 13.61 26.38 -3.45
C CYS D 23 12.26 26.95 -3.07
N ARG D 24 11.56 27.46 -4.09
CA ARG D 24 10.27 28.11 -3.96
C ARG D 24 9.19 27.23 -4.60
N SER D 25 8.07 26.99 -3.91
CA SER D 25 6.95 26.22 -4.45
C SER D 25 5.79 27.15 -4.84
N SER D 26 5.11 26.87 -5.96
CA SER D 26 4.02 27.69 -6.49
C SER D 26 2.72 27.53 -5.69
N GLN D 27 2.68 26.55 -4.77
CA GLN D 27 1.58 26.23 -3.88
C GLN D 27 2.19 25.71 -2.59
N SER D 28 1.40 25.69 -1.49
CA SER D 28 1.80 25.12 -0.21
C SER D 28 2.04 23.60 -0.41
N ILE D 29 2.93 23.01 0.40
CA ILE D 29 3.29 21.58 0.28
C ILE D 29 3.14 20.79 1.59
N VAL D 30 1.98 20.95 2.25
CA VAL D 30 1.70 20.24 3.49
C VAL D 30 0.86 19.01 3.14
N HIS D 31 1.40 17.80 3.38
CA HIS D 31 0.73 16.53 3.11
C HIS D 31 -0.43 16.36 4.11
N SER D 32 -1.41 15.48 3.79
CA SER D 32 -2.59 15.18 4.63
C SER D 32 -2.24 14.89 6.10
N ASP D 33 -1.08 14.24 6.34
CA ASP D 33 -0.57 13.89 7.67
C ASP D 33 0.05 15.07 8.45
N GLY D 34 0.10 16.24 7.80
CA GLY D 34 0.67 17.45 8.39
C GLY D 34 2.17 17.66 8.17
N ASN D 35 2.84 16.69 7.51
CA ASN D 35 4.27 16.78 7.24
C ASN D 35 4.53 17.43 5.88
N ILE D 36 5.63 18.19 5.78
CA ILE D 36 6.04 18.82 4.53
C ILE D 36 7.14 17.95 3.96
N TYR D 37 6.84 17.16 2.91
CA TYR D 37 7.81 16.25 2.30
C TYR D 37 8.71 16.94 1.28
N LEU D 38 9.46 17.96 1.74
CA LEU D 38 10.42 18.69 0.92
C LEU D 38 11.78 17.99 1.12
N GLU D 39 12.35 17.51 0.01
CA GLU D 39 13.63 16.82 0.02
C GLU D 39 14.65 17.57 -0.80
N TRP D 40 15.93 17.33 -0.48
CA TRP D 40 17.06 17.86 -1.25
C TRP D 40 17.91 16.67 -1.69
N TYR D 41 18.22 16.61 -2.98
CA TYR D 41 19.05 15.57 -3.56
C TYR D 41 20.30 16.16 -4.17
N LEU D 42 21.36 15.35 -4.25
CA LEU D 42 22.59 15.69 -4.95
C LEU D 42 22.78 14.64 -6.02
N GLN D 43 23.03 15.08 -7.25
CA GLN D 43 23.29 14.16 -8.34
C GLN D 43 24.59 14.55 -9.02
N LYS D 44 25.48 13.57 -9.19
CA LYS D 44 26.75 13.72 -9.90
C LYS D 44 26.57 13.11 -11.32
N PRO D 45 27.31 13.61 -12.34
CA PRO D 45 27.13 13.06 -13.71
C PRO D 45 27.28 11.55 -13.81
N GLY D 46 26.37 10.94 -14.55
CA GLY D 46 26.29 9.49 -14.74
C GLY D 46 25.84 8.70 -13.52
N GLN D 47 25.40 9.39 -12.45
CA GLN D 47 24.94 8.71 -11.22
C GLN D 47 23.48 8.99 -10.95
N SER D 48 22.85 8.18 -10.08
CA SER D 48 21.46 8.40 -9.67
C SER D 48 21.47 9.50 -8.60
N PRO D 49 20.36 10.25 -8.37
CA PRO D 49 20.35 11.26 -7.29
C PRO D 49 20.52 10.59 -5.92
N LYS D 50 21.12 11.31 -4.96
CA LYS D 50 21.36 10.82 -3.60
C LYS D 50 20.65 11.73 -2.62
N LEU D 51 19.84 11.14 -1.72
CA LEU D 51 19.08 11.89 -0.71
C LEU D 51 20.02 12.55 0.30
N LEU D 52 19.82 13.85 0.56
CA LEU D 52 20.61 14.57 1.55
C LEU D 52 19.73 14.96 2.74
N ILE D 53 18.61 15.61 2.45
CA ILE D 53 17.66 16.13 3.43
C ILE D 53 16.24 15.65 3.11
N TYR D 54 15.45 15.32 4.14
CA TYR D 54 14.05 14.95 3.94
C TYR D 54 13.18 15.71 4.94
N LYS D 55 11.87 15.83 4.65
CA LYS D 55 10.92 16.56 5.49
C LYS D 55 11.48 17.94 5.97
N VAL D 56 12.03 18.72 5.01
CA VAL D 56 12.58 20.07 5.15
C VAL D 56 13.94 20.16 5.85
N SER D 57 14.08 19.55 7.03
CA SER D 57 15.27 19.72 7.86
C SER D 57 15.96 18.46 8.36
N TYR D 58 15.42 17.27 8.08
CA TYR D 58 16.04 16.04 8.58
C TYR D 58 17.17 15.58 7.67
N ARG D 59 18.36 15.41 8.23
CA ARG D 59 19.52 14.94 7.50
C ARG D 59 19.45 13.42 7.35
N PHE D 60 19.57 12.94 6.10
CA PHE D 60 19.58 11.50 5.81
C PHE D 60 20.85 10.88 6.42
N SER D 61 20.78 9.61 6.85
CA SER D 61 21.91 8.91 7.48
C SER D 61 23.15 8.89 6.60
N GLY D 62 24.29 9.27 7.18
CA GLY D 62 25.57 9.30 6.49
C GLY D 62 25.93 10.65 5.87
N VAL D 63 24.94 11.57 5.77
CA VAL D 63 25.11 12.90 5.19
C VAL D 63 25.87 13.79 6.19
N PRO D 64 26.94 14.51 5.76
CA PRO D 64 27.70 15.35 6.72
C PRO D 64 26.86 16.43 7.40
N ASP D 65 27.21 16.77 8.66
CA ASP D 65 26.53 17.79 9.45
C ASP D 65 26.59 19.21 8.84
N ARG D 66 27.48 19.40 7.83
CA ARG D 66 27.65 20.64 7.07
C ARG D 66 26.37 21.03 6.31
N PHE D 67 25.55 20.03 5.95
CA PHE D 67 24.29 20.23 5.24
C PHE D 67 23.16 20.38 6.22
N SER D 68 22.34 21.40 5.99
CA SER D 68 21.15 21.67 6.80
C SER D 68 20.06 22.25 5.91
N GLY D 69 18.82 22.01 6.30
CA GLY D 69 17.65 22.51 5.59
C GLY D 69 16.70 23.23 6.52
N SER D 70 15.98 24.20 5.98
CA SER D 70 15.00 25.00 6.71
C SER D 70 13.92 25.45 5.74
N GLY D 71 12.88 26.09 6.28
CA GLY D 71 11.78 26.61 5.49
C GLY D 71 10.40 26.27 6.00
N SER D 72 9.41 26.96 5.47
CA SER D 72 7.99 26.79 5.76
C SER D 72 7.22 27.48 4.65
N GLY D 73 5.94 27.17 4.55
CA GLY D 73 5.06 27.76 3.54
C GLY D 73 5.50 27.41 2.13
N THR D 74 6.00 28.41 1.39
CA THR D 74 6.42 28.23 0.00
C THR D 74 7.92 28.49 -0.27
N ASP D 75 8.73 28.72 0.80
CA ASP D 75 10.16 29.00 0.67
C ASP D 75 11.02 28.09 1.54
N PHE D 76 11.92 27.35 0.89
CA PHE D 76 12.81 26.37 1.53
C PHE D 76 14.24 26.63 1.15
N THR D 77 15.16 26.36 2.07
CA THR D 77 16.59 26.63 1.86
C THR D 77 17.50 25.49 2.31
N LEU D 78 18.45 25.13 1.42
CA LEU D 78 19.51 24.19 1.73
C LEU D 78 20.75 25.04 1.99
N LYS D 79 21.42 24.77 3.10
CA LYS D 79 22.64 25.48 3.49
C LYS D 79 23.78 24.52 3.69
N ILE D 80 24.94 24.88 3.14
CA ILE D 80 26.17 24.11 3.33
C ILE D 80 27.04 25.08 4.12
N SER D 81 27.27 24.78 5.40
CA SER D 81 28.03 25.62 6.33
C SER D 81 29.44 25.93 5.77
N ARG D 82 30.18 24.88 5.41
CA ARG D 82 31.52 24.94 4.82
C ARG D 82 31.54 23.97 3.64
N VAL D 83 31.66 24.51 2.41
CA VAL D 83 31.69 23.72 1.18
C VAL D 83 33.00 22.91 1.08
N GLU D 84 32.91 21.66 0.59
CA GLU D 84 34.05 20.77 0.39
C GLU D 84 34.02 20.29 -1.07
N ALA D 85 35.18 19.85 -1.60
CA ALA D 85 35.34 19.39 -3.00
C ALA D 85 34.32 18.32 -3.42
N GLU D 86 33.97 17.41 -2.50
CA GLU D 86 33.02 16.31 -2.72
C GLU D 86 31.57 16.78 -2.91
N ASP D 87 31.27 18.06 -2.60
CA ASP D 87 29.92 18.63 -2.74
C ASP D 87 29.56 19.00 -4.18
N VAL D 88 30.53 18.92 -5.10
CA VAL D 88 30.33 19.26 -6.52
C VAL D 88 29.22 18.42 -7.18
N GLY D 89 28.37 19.08 -7.94
CA GLY D 89 27.27 18.41 -8.63
C GLY D 89 26.04 19.28 -8.72
N VAL D 90 24.91 18.65 -9.03
CA VAL D 90 23.64 19.35 -9.19
C VAL D 90 22.71 19.01 -8.01
N TYR D 91 22.20 20.07 -7.35
CA TYR D 91 21.27 19.97 -6.22
C TYR D 91 19.86 20.19 -6.69
N TYR D 92 18.94 19.30 -6.29
CA TYR D 92 17.53 19.39 -6.65
C TYR D 92 16.68 19.39 -5.42
N CYS D 93 15.65 20.24 -5.39
CA CYS D 93 14.66 20.13 -4.33
C CYS D 93 13.53 19.30 -4.92
N PHE D 94 12.74 18.69 -4.05
CA PHE D 94 11.66 17.80 -4.47
C PHE D 94 10.53 17.82 -3.46
N GLN D 95 9.28 17.94 -3.94
CA GLN D 95 8.12 17.83 -3.03
C GLN D 95 7.38 16.53 -3.29
N ALA D 96 7.15 15.75 -2.23
CA ALA D 96 6.40 14.50 -2.27
C ALA D 96 5.14 14.64 -1.40
N SER D 97 4.62 15.87 -1.35
CA SER D 97 3.44 16.20 -0.54
C SER D 97 2.14 16.05 -1.30
N HIS D 98 2.12 16.49 -2.56
CA HIS D 98 0.91 16.43 -3.37
C HIS D 98 1.21 15.85 -4.73
N VAL D 99 0.41 14.86 -5.16
CA VAL D 99 0.52 14.22 -6.47
C VAL D 99 0.10 15.24 -7.56
N PRO D 100 0.85 15.37 -8.68
CA PRO D 100 2.11 14.69 -9.01
C PRO D 100 3.30 15.30 -8.29
N TYR D 101 4.19 14.44 -7.79
CA TYR D 101 5.40 14.87 -7.11
C TYR D 101 6.26 15.65 -8.12
N THR D 102 6.87 16.77 -7.70
CA THR D 102 7.64 17.62 -8.60
C THR D 102 9.01 18.01 -8.06
N PHE D 103 9.97 18.14 -8.98
CA PHE D 103 11.34 18.52 -8.68
C PHE D 103 11.62 19.96 -9.12
N GLY D 104 12.62 20.58 -8.49
CA GLY D 104 13.17 21.85 -8.93
C GLY D 104 14.02 21.60 -10.17
N GLN D 105 14.44 22.67 -10.89
CA GLN D 105 15.21 22.53 -12.15
C GLN D 105 16.70 22.16 -11.94
N GLY D 106 17.14 22.21 -10.68
CA GLY D 106 18.53 21.93 -10.32
C GLY D 106 19.37 23.18 -10.19
N THR D 107 20.33 23.12 -9.27
CA THR D 107 21.32 24.17 -9.01
C THR D 107 22.69 23.52 -9.11
N LYS D 108 23.51 23.97 -10.06
CA LYS D 108 24.84 23.40 -10.24
C LYS D 108 25.86 24.07 -9.29
N LEU D 109 26.49 23.28 -8.42
CA LEU D 109 27.51 23.77 -7.51
C LEU D 109 28.88 23.46 -8.08
N GLU D 110 29.68 24.51 -8.36
CA GLU D 110 31.05 24.40 -8.86
C GLU D 110 32.00 24.78 -7.74
N ILE D 111 33.20 24.19 -7.74
CA ILE D 111 34.22 24.40 -6.72
C ILE D 111 35.39 25.23 -7.26
N LYS D 112 35.76 26.29 -6.52
CA LYS D 112 36.92 27.11 -6.87
C LYS D 112 38.15 26.46 -6.27
N ARG D 113 39.26 26.53 -6.97
CA ARG D 113 40.55 26.01 -6.51
C ARG D 113 41.65 26.80 -7.19
N THR D 114 42.91 26.52 -6.83
CA THR D 114 44.07 27.21 -7.41
C THR D 114 44.30 26.77 -8.84
N VAL D 115 45.03 27.61 -9.60
CA VAL D 115 45.40 27.30 -10.98
C VAL D 115 46.28 26.03 -10.99
N ALA D 116 45.98 25.12 -11.91
CA ALA D 116 46.75 23.89 -12.09
C ALA D 116 46.93 23.69 -13.59
N ALA D 117 48.18 23.66 -14.05
CA ALA D 117 48.47 23.46 -15.46
C ALA D 117 48.17 22.00 -15.83
N PRO D 118 47.75 21.72 -17.07
CA PRO D 118 47.49 20.31 -17.43
C PRO D 118 48.79 19.54 -17.64
N SER D 119 48.74 18.21 -17.40
CA SER D 119 49.81 17.28 -17.76
C SER D 119 49.37 16.81 -19.16
N VAL D 120 50.22 17.01 -20.17
CA VAL D 120 49.89 16.71 -21.57
C VAL D 120 50.53 15.41 -22.06
N PHE D 121 49.71 14.55 -22.66
CA PHE D 121 50.14 13.24 -23.17
C PHE D 121 49.62 13.05 -24.58
N ILE D 122 50.38 12.32 -25.40
CA ILE D 122 49.97 12.08 -26.78
C ILE D 122 50.02 10.58 -27.08
N PHE D 123 49.05 10.10 -27.87
CA PHE D 123 48.95 8.69 -28.24
C PHE D 123 48.85 8.52 -29.74
N PRO D 124 49.88 7.92 -30.40
CA PRO D 124 49.75 7.63 -31.83
C PRO D 124 48.61 6.62 -32.09
N PRO D 125 48.16 6.45 -33.34
CA PRO D 125 47.13 5.43 -33.62
C PRO D 125 47.65 4.04 -33.28
N SER D 126 46.77 3.16 -32.81
CA SER D 126 47.14 1.78 -32.50
C SER D 126 47.35 1.02 -33.80
N ASP D 127 48.17 -0.06 -33.78
CA ASP D 127 48.38 -0.90 -34.95
C ASP D 127 47.04 -1.53 -35.40
N GLU D 128 46.17 -1.91 -34.43
CA GLU D 128 44.83 -2.46 -34.67
C GLU D 128 44.00 -1.53 -35.54
N GLN D 129 43.96 -0.22 -35.18
CA GLN D 129 43.18 0.73 -35.97
C GLN D 129 43.76 0.94 -37.36
N LEU D 130 45.09 1.05 -37.47
CA LEU D 130 45.78 1.24 -38.75
C LEU D 130 45.42 0.13 -39.75
N LYS D 131 45.24 -1.11 -39.24
CA LYS D 131 44.83 -2.26 -40.06
C LYS D 131 43.42 -2.07 -40.65
N SER D 132 42.56 -1.26 -39.98
CA SER D 132 41.18 -0.99 -40.41
C SER D 132 41.04 0.18 -41.39
N GLY D 133 42.16 0.82 -41.73
CA GLY D 133 42.21 1.94 -42.69
C GLY D 133 42.02 3.34 -42.15
N THR D 134 42.02 3.51 -40.81
CA THR D 134 41.83 4.81 -40.14
C THR D 134 42.93 5.08 -39.09
N ALA D 135 43.22 6.35 -38.81
CA ALA D 135 44.23 6.71 -37.82
C ALA D 135 43.72 7.80 -36.90
N SER D 136 43.54 7.46 -35.60
CA SER D 136 43.12 8.42 -34.59
C SER D 136 44.29 8.70 -33.67
N VAL D 137 44.62 9.97 -33.49
CA VAL D 137 45.71 10.42 -32.64
C VAL D 137 45.02 11.07 -31.45
N VAL D 138 45.37 10.66 -30.22
CA VAL D 138 44.70 11.21 -29.03
C VAL D 138 45.65 12.09 -28.21
N CYS D 139 45.19 13.27 -27.85
CA CYS D 139 45.90 14.20 -26.97
C CYS D 139 45.11 14.28 -25.68
N LEU D 140 45.77 13.99 -24.56
CA LEU D 140 45.16 13.99 -23.23
C LEU D 140 45.73 15.15 -22.39
N LEU D 141 44.83 15.96 -21.81
CA LEU D 141 45.16 17.07 -20.92
C LEU D 141 44.61 16.66 -19.58
N ASN D 142 45.50 16.29 -18.65
CA ASN D 142 45.10 15.77 -17.36
C ASN D 142 45.18 16.74 -16.18
N ASN D 143 44.10 16.74 -15.38
CA ASN D 143 43.95 17.42 -14.09
C ASN D 143 44.38 18.88 -14.07
N PHE D 144 43.62 19.72 -14.75
CA PHE D 144 43.91 21.14 -14.83
C PHE D 144 42.77 21.98 -14.29
N TYR D 145 43.06 23.25 -14.02
CA TYR D 145 42.05 24.20 -13.52
C TYR D 145 42.57 25.62 -13.85
N PRO D 146 41.73 26.54 -14.38
CA PRO D 146 40.30 26.42 -14.68
C PRO D 146 40.03 25.51 -15.88
N ARG D 147 38.75 25.27 -16.21
CA ARG D 147 38.33 24.39 -17.30
C ARG D 147 38.74 24.85 -18.68
N GLU D 148 38.90 26.17 -18.88
CA GLU D 148 39.23 26.74 -20.18
C GLU D 148 40.61 26.30 -20.59
N ALA D 149 40.71 25.64 -21.74
CA ALA D 149 41.98 25.13 -22.28
C ALA D 149 41.84 25.09 -23.78
N LYS D 150 42.92 25.37 -24.49
CA LYS D 150 42.88 25.36 -25.95
C LYS D 150 43.84 24.32 -26.49
N VAL D 151 43.34 23.44 -27.37
CA VAL D 151 44.15 22.42 -28.02
C VAL D 151 44.18 22.77 -29.51
N GLN D 152 45.36 22.71 -30.10
CA GLN D 152 45.55 22.91 -31.54
C GLN D 152 46.36 21.74 -32.05
N TRP D 153 45.91 21.13 -33.14
CA TRP D 153 46.61 20.01 -33.77
C TRP D 153 47.45 20.56 -34.91
N LYS D 154 48.70 20.10 -35.00
CA LYS D 154 49.63 20.47 -36.06
C LYS D 154 50.25 19.21 -36.63
N VAL D 155 50.24 19.12 -37.97
CA VAL D 155 50.77 17.97 -38.70
C VAL D 155 51.87 18.54 -39.60
N ASP D 156 53.14 18.16 -39.34
CA ASP D 156 54.33 18.75 -39.97
C ASP D 156 54.28 20.28 -39.83
N ASN D 157 53.92 20.73 -38.60
CA ASN D 157 53.79 22.13 -38.16
C ASN D 157 52.62 22.92 -38.80
N ALA D 158 51.80 22.27 -39.64
CA ALA D 158 50.64 22.93 -40.26
C ALA D 158 49.40 22.78 -39.37
N LEU D 159 48.78 23.91 -39.02
CA LEU D 159 47.58 23.93 -38.16
C LEU D 159 46.40 23.21 -38.84
N GLN D 160 45.81 22.26 -38.11
CA GLN D 160 44.68 21.48 -38.60
C GLN D 160 43.36 22.13 -38.29
N SER D 161 42.35 21.87 -39.14
CA SER D 161 40.99 22.35 -38.94
C SER D 161 39.99 21.37 -39.50
N GLY D 162 38.93 21.11 -38.73
CA GLY D 162 37.83 20.26 -39.16
C GLY D 162 37.98 18.76 -39.08
N ASN D 163 39.10 18.25 -38.50
CA ASN D 163 39.35 16.83 -38.40
C ASN D 163 39.55 16.34 -36.95
N SER D 164 39.10 17.14 -35.97
CA SER D 164 39.24 16.78 -34.56
C SER D 164 37.97 17.02 -33.76
N GLN D 165 37.84 16.29 -32.63
CA GLN D 165 36.74 16.43 -31.68
C GLN D 165 37.33 16.32 -30.29
N GLU D 166 36.74 17.06 -29.34
CA GLU D 166 37.21 17.02 -27.95
C GLU D 166 36.05 17.07 -26.98
N SER D 167 36.31 16.65 -25.74
CA SER D 167 35.32 16.77 -24.68
C SER D 167 36.05 16.92 -23.36
N VAL D 168 35.42 17.63 -22.43
CA VAL D 168 35.96 17.89 -21.11
C VAL D 168 35.16 17.06 -20.08
N THR D 169 35.83 16.60 -19.02
CA THR D 169 35.12 15.89 -17.96
C THR D 169 34.33 16.88 -17.12
N GLU D 170 33.48 16.31 -16.22
CA GLU D 170 32.85 17.08 -15.16
C GLU D 170 34.00 17.39 -14.18
N GLN D 171 33.76 18.29 -13.24
CA GLN D 171 34.76 18.63 -12.23
C GLN D 171 34.99 17.45 -11.29
N ASP D 172 36.26 17.13 -11.00
CA ASP D 172 36.64 16.00 -10.15
C ASP D 172 36.17 16.22 -8.71
N SER D 173 35.55 15.21 -8.10
CA SER D 173 35.03 15.29 -6.73
C SER D 173 36.12 15.32 -5.64
N LYS D 174 37.35 14.94 -5.99
CA LYS D 174 38.46 14.89 -5.02
C LYS D 174 39.41 16.06 -5.11
N ASP D 175 39.86 16.42 -6.32
CA ASP D 175 40.82 17.50 -6.51
C ASP D 175 40.29 18.75 -7.24
N SER D 176 39.00 18.75 -7.62
CA SER D 176 38.32 19.90 -8.26
C SER D 176 38.93 20.29 -9.62
N THR D 177 39.64 19.37 -10.26
CA THR D 177 40.21 19.66 -11.58
C THR D 177 39.30 19.14 -12.70
N TYR D 178 39.71 19.39 -13.95
CA TYR D 178 39.08 18.89 -15.16
C TYR D 178 40.15 18.17 -15.97
N SER D 179 39.72 17.28 -16.86
CA SER D 179 40.58 16.64 -17.83
C SER D 179 39.91 16.78 -19.21
N LEU D 180 40.71 16.72 -20.25
CA LEU D 180 40.21 16.89 -21.63
C LEU D 180 40.88 15.91 -22.54
N SER D 181 40.10 15.35 -23.45
CA SER D 181 40.61 14.43 -24.45
C SER D 181 40.28 15.02 -25.81
N SER D 182 41.26 15.09 -26.72
CA SER D 182 41.04 15.55 -28.09
C SER D 182 41.51 14.46 -29.05
N THR D 183 40.67 14.13 -30.05
CA THR D 183 41.04 13.13 -31.04
C THR D 183 41.14 13.75 -32.44
N LEU D 184 42.27 13.53 -33.11
CA LEU D 184 42.50 13.95 -34.48
C LEU D 184 42.30 12.68 -35.32
N THR D 185 41.34 12.69 -36.24
CA THR D 185 41.11 11.50 -37.06
C THR D 185 41.38 11.75 -38.54
N LEU D 186 42.27 10.95 -39.09
CA LEU D 186 42.65 11.00 -40.50
C LEU D 186 42.44 9.62 -41.11
N SER D 187 42.45 9.54 -42.45
CA SER D 187 42.41 8.24 -43.13
C SER D 187 43.84 7.71 -42.98
N LYS D 188 44.07 6.40 -43.10
CA LYS D 188 45.42 5.83 -42.98
C LYS D 188 46.37 6.42 -44.04
N ALA D 189 45.88 6.59 -45.28
CA ALA D 189 46.65 7.13 -46.41
C ALA D 189 47.13 8.55 -46.09
N ASP D 190 46.23 9.42 -45.57
CA ASP D 190 46.58 10.78 -45.16
C ASP D 190 47.57 10.77 -44.00
N TYR D 191 47.37 9.85 -43.02
CA TYR D 191 48.29 9.68 -41.88
C TYR D 191 49.72 9.31 -42.33
N GLU D 192 49.84 8.40 -43.32
CA GLU D 192 51.13 7.93 -43.85
C GLU D 192 51.90 8.95 -44.70
N LYS D 193 51.22 10.04 -45.14
CA LYS D 193 51.78 11.14 -45.95
C LYS D 193 52.60 12.15 -45.12
N HIS D 194 52.45 12.11 -43.78
CA HIS D 194 53.10 13.07 -42.89
C HIS D 194 53.93 12.44 -41.78
N LYS D 195 54.90 13.21 -41.25
CA LYS D 195 55.81 12.72 -40.20
C LYS D 195 55.47 13.19 -38.79
N VAL D 196 55.43 14.50 -38.56
CA VAL D 196 55.27 15.06 -37.22
C VAL D 196 53.81 15.30 -36.85
N TYR D 197 53.37 14.70 -35.73
CA TYR D 197 52.01 14.86 -35.22
C TYR D 197 52.13 15.50 -33.86
N ALA D 198 51.55 16.69 -33.72
CA ALA D 198 51.68 17.46 -32.48
C ALA D 198 50.38 17.99 -31.95
N CYS D 199 50.24 18.04 -30.61
CA CYS D 199 49.12 18.78 -30.03
C CYS D 199 49.71 19.88 -29.16
N GLU D 200 49.28 21.10 -29.45
CA GLU D 200 49.75 22.30 -28.78
C GLU D 200 48.65 22.82 -27.84
N VAL D 201 49.01 22.94 -26.56
CA VAL D 201 48.10 23.28 -25.47
C VAL D 201 48.38 24.67 -24.89
N THR D 202 47.32 25.48 -24.79
CA THR D 202 47.33 26.80 -24.16
C THR D 202 46.42 26.67 -22.93
N HIS D 203 46.88 27.16 -21.77
CA HIS D 203 46.12 27.13 -20.52
C HIS D 203 46.69 28.20 -19.58
N GLN D 204 45.86 28.71 -18.68
CA GLN D 204 46.23 29.74 -17.69
C GLN D 204 47.47 29.34 -16.84
N GLY D 205 47.62 28.05 -16.55
CA GLY D 205 48.76 27.57 -15.78
C GLY D 205 50.07 27.52 -16.54
N LEU D 206 50.04 27.79 -17.85
CA LEU D 206 51.22 27.76 -18.74
C LEU D 206 51.58 29.16 -19.24
N SER D 207 52.84 29.56 -19.10
CA SER D 207 53.28 30.89 -19.57
C SER D 207 53.51 30.93 -21.09
N SER D 208 53.76 29.76 -21.69
CA SER D 208 53.88 29.64 -23.14
C SER D 208 53.22 28.31 -23.52
N PRO D 209 52.69 28.14 -24.76
CA PRO D 209 52.03 26.87 -25.10
C PRO D 209 52.97 25.68 -25.00
N VAL D 210 52.41 24.54 -24.58
CA VAL D 210 53.14 23.27 -24.43
C VAL D 210 52.83 22.42 -25.66
N THR D 211 53.88 21.96 -26.37
CA THR D 211 53.70 21.09 -27.53
C THR D 211 54.13 19.66 -27.17
N LYS D 212 53.24 18.70 -27.39
CA LYS D 212 53.54 17.29 -27.19
C LYS D 212 53.47 16.67 -28.58
N SER D 213 54.54 15.98 -29.00
CA SER D 213 54.57 15.45 -30.36
C SER D 213 55.29 14.14 -30.49
N PHE D 214 55.11 13.50 -31.65
CA PHE D 214 55.83 12.28 -32.00
C PHE D 214 56.07 12.26 -33.51
N ASN D 215 56.99 11.42 -33.94
CA ASN D 215 57.32 11.19 -35.34
C ASN D 215 56.71 9.84 -35.72
N ARG D 216 55.85 9.81 -36.76
CA ARG D 216 55.22 8.58 -37.23
C ARG D 216 56.28 7.50 -37.55
N GLY D 217 56.14 6.34 -36.93
CA GLY D 217 57.07 5.23 -37.09
C GLY D 217 57.94 5.02 -35.86
N GLU D 218 58.45 6.12 -35.28
CA GLU D 218 59.30 6.14 -34.08
C GLU D 218 58.47 5.81 -32.84
C1 GOL E . -41.70 -8.54 22.89
O1 GOL E . -42.12 -9.41 23.93
C2 GOL E . -40.27 -8.10 23.06
O2 GOL E . -40.03 -7.62 24.38
C3 GOL E . -39.25 -9.18 22.73
O3 GOL E . -37.98 -8.61 22.45
C1 GOL F . 37.52 12.85 -27.54
O1 GOL F . 38.92 12.67 -27.69
C2 GOL F . 36.94 11.66 -26.82
O2 GOL F . 36.75 10.57 -27.72
C3 GOL F . 35.64 12.01 -26.15
O3 GOL F . 35.31 11.06 -25.15
#